data_6H43
#
_entry.id   6H43
#
_cell.length_a   139.470
_cell.length_b   139.470
_cell.length_c   142.510
_cell.angle_alpha   90.00
_cell.angle_beta   90.00
_cell.angle_gamma   120.00
#
_symmetry.space_group_name_H-M   'P 64'
#
loop_
_entity.id
_entity.type
_entity.pdbx_description
1 polymer 'Tryptophan 6-halogenase Thal'
2 non-polymer 'PHOSPHATE ION'
3 non-polymer GLYCEROL
4 non-polymer 'POTASSIUM ION'
5 water water
#
_entity_poly.entity_id   1
_entity_poly.type   'polypeptide(L)'
_entity_poly.pdbx_seq_one_letter_code
;GAMGDNRIKTVVILGGGTAGWMTAAYLGKALQNTVKIVVLEAPTIPRIGVGEATVPNLQRAFFDYLGIPEEEWMRECNAS
YKMAVKFINWRTPGEGSPDPRTLDDGHTDTFHHPFGLLPSADQIPLSHYWAAKRLQGETDENFDEACFADTAIMNAKKAP
RFLDMRRATNYAWHFDASKVAAFLRNFAVTKQAVEHVEDEMTEVLTDERGFITALRTKSGRILQGDLFVDCSGFRGLLIN
KAMEEPFIDMSDHLLCNSAVATAVPHDDEKNGVEPYTSSIAMEAGWTWKIPMLGRFGSGHVYSDHFATQDEATLAFSKLW
GLDPDNTEFNHVRFRVGRNRRAWVRNCVSVGLASCFVEPLESSGIYFIYAAIHMLAKHFPDKTFDKVLVDRFNREIEEMF
DDTRDFLQAHYYFSPRVDTPFWRANKELKLADSIKDKVETYRAGLPVNLPVTDEGTYYGNFEAEFRNFWTNGSYYCIFAG
LGLMPRNPLPALAYKPQSIAEAELLFADVKRKGDTLVESLPSTYDLLRQLHGAS
;
_entity_poly.pdbx_strand_id   A,B
#
loop_
_chem_comp.id
_chem_comp.type
_chem_comp.name
_chem_comp.formula
GOL non-polymer GLYCEROL 'C3 H8 O3'
K non-polymer 'POTASSIUM ION' 'K 1'
PO4 non-polymer 'PHOSPHATE ION' 'O4 P -3'
#
# COMPACT_ATOMS: atom_id res chain seq x y z
N ASP A 5 9.22 27.40 24.67
CA ASP A 5 7.97 27.23 23.85
C ASP A 5 8.20 27.77 22.44
N ASN A 6 8.58 26.86 21.54
CA ASN A 6 8.76 27.10 20.11
C ASN A 6 7.47 26.79 19.31
N ARG A 7 6.37 26.51 20.01
CA ARG A 7 5.15 26.05 19.40
C ARG A 7 4.41 27.16 18.67
N ILE A 8 3.65 26.76 17.63
CA ILE A 8 2.63 27.61 17.05
C ILE A 8 1.65 27.99 18.17
N LYS A 9 1.22 29.25 18.24
CA LYS A 9 0.23 29.68 19.24
C LYS A 9 -1.12 30.02 18.59
N THR A 10 -1.10 30.60 17.40
CA THR A 10 -2.29 31.02 16.67
C THR A 10 -2.22 30.54 15.21
N VAL A 11 -3.32 29.94 14.74
CA VAL A 11 -3.50 29.62 13.33
C VAL A 11 -4.58 30.56 12.79
N VAL A 12 -4.28 31.22 11.67
CA VAL A 12 -5.24 32.08 10.99
C VAL A 12 -5.57 31.41 9.64
N ILE A 13 -6.87 31.19 9.41
CA ILE A 13 -7.41 30.59 8.20
C ILE A 13 -8.09 31.70 7.39
N LEU A 14 -7.63 31.92 6.16
CA LEU A 14 -8.22 32.89 5.25
C LEU A 14 -9.25 32.21 4.37
N GLY A 15 -10.52 32.59 4.53
CA GLY A 15 -11.65 32.13 3.74
C GLY A 15 -12.49 31.12 4.51
N GLY A 16 -13.79 31.17 4.27
CA GLY A 16 -14.71 30.19 4.85
C GLY A 16 -15.07 29.11 3.83
N GLY A 17 -16.37 28.96 3.55
CA GLY A 17 -16.84 27.83 2.74
C GLY A 17 -16.39 26.51 3.33
N THR A 18 -16.44 25.44 2.54
CA THR A 18 -16.21 24.12 3.05
C THR A 18 -14.75 23.98 3.45
N ALA A 19 -13.82 24.58 2.71
CA ALA A 19 -12.39 24.38 2.98
C ALA A 19 -12.01 25.01 4.32
N GLY A 20 -12.41 26.26 4.53
CA GLY A 20 -12.03 26.98 5.78
C GLY A 20 -12.63 26.35 7.03
N TRP A 21 -13.92 26.03 6.98
CA TRP A 21 -14.62 25.51 8.16
C TRP A 21 -14.31 24.02 8.39
N MET A 22 -13.97 23.27 7.34
CA MET A 22 -13.48 21.93 7.56
C MET A 22 -12.11 22.01 8.23
N THR A 23 -11.25 22.93 7.77
CA THR A 23 -9.91 23.08 8.35
C THR A 23 -10.04 23.47 9.84
N ALA A 24 -10.90 24.45 10.11
CA ALA A 24 -11.07 24.98 11.46
C ALA A 24 -11.60 23.89 12.40
N ALA A 25 -12.66 23.19 11.98
CA ALA A 25 -13.27 22.16 12.83
C ALA A 25 -12.27 21.03 13.09
N TYR A 26 -11.54 20.62 12.07
CA TYR A 26 -10.62 19.47 12.20
C TYR A 26 -9.43 19.83 13.10
N LEU A 27 -8.81 20.99 12.86
CA LEU A 27 -7.65 21.39 13.69
C LEU A 27 -8.12 21.67 15.12
N GLY A 28 -9.35 22.15 15.28
CA GLY A 28 -9.96 22.31 16.60
C GLY A 28 -9.92 21.03 17.43
N LYS A 29 -10.24 19.91 16.81
CA LYS A 29 -10.17 18.58 17.46
C LYS A 29 -8.71 18.13 17.64
N ALA A 30 -7.93 18.27 16.57
CA ALA A 30 -6.55 17.69 16.51
C ALA A 30 -5.63 18.38 17.51
N LEU A 31 -5.81 19.68 17.72
CA LEU A 31 -4.85 20.46 18.50
C LEU A 31 -5.28 20.65 19.96
N GLN A 32 -6.38 20.01 20.35
CA GLN A 32 -6.72 19.71 21.76
C GLN A 32 -6.62 20.97 22.63
N ASN A 33 -7.10 22.09 22.10
CA ASN A 33 -7.21 23.33 22.84
C ASN A 33 -5.87 24.03 23.10
N THR A 34 -4.77 23.65 22.44
CA THR A 34 -3.47 24.24 22.73
C THR A 34 -3.16 25.41 21.80
N VAL A 35 -4.02 25.67 20.82
CA VAL A 35 -3.73 26.68 19.76
C VAL A 35 -4.99 27.52 19.53
N LYS A 36 -4.83 28.84 19.39
CA LYS A 36 -5.96 29.67 19.04
C LYS A 36 -6.19 29.56 17.51
N ILE A 37 -7.47 29.46 17.10
CA ILE A 37 -7.84 29.36 15.69
C ILE A 37 -8.78 30.52 15.33
N VAL A 38 -8.45 31.24 14.26
CA VAL A 38 -9.22 32.36 13.77
C VAL A 38 -9.56 32.10 12.30
N VAL A 39 -10.82 32.29 11.91
CA VAL A 39 -11.23 32.28 10.51
C VAL A 39 -11.59 33.70 10.08
N LEU A 40 -10.93 34.19 9.04
CA LEU A 40 -11.30 35.45 8.38
C LEU A 40 -12.09 35.15 7.09
N GLU A 41 -13.38 35.50 7.10
CA GLU A 41 -14.32 35.17 6.02
C GLU A 41 -15.18 36.40 5.73
N ALA A 42 -15.15 36.91 4.49
CA ALA A 42 -16.10 37.96 4.05
C ALA A 42 -17.54 37.46 4.20
N PRO A 43 -18.54 38.33 4.51
CA PRO A 43 -19.94 37.89 4.50
C PRO A 43 -20.33 37.54 3.05
N THR A 44 -21.07 36.45 2.86
CA THR A 44 -21.26 35.91 1.51
C THR A 44 -22.62 36.36 0.96
N ILE A 45 -22.62 36.73 -0.34
CA ILE A 45 -23.83 36.90 -1.13
C ILE A 45 -24.34 35.49 -1.46
N PRO A 46 -25.53 35.04 -0.98
CA PRO A 46 -25.98 33.66 -1.23
C PRO A 46 -26.01 33.31 -2.73
N ARG A 47 -25.47 32.14 -3.10
CA ARG A 47 -25.58 31.54 -4.45
C ARG A 47 -26.71 30.50 -4.40
N ILE A 48 -27.34 30.22 -5.56
CA ILE A 48 -28.21 29.06 -5.66
C ILE A 48 -27.33 27.82 -5.33
N GLY A 49 -27.86 26.87 -4.53
CA GLY A 49 -27.13 25.64 -4.12
C GLY A 49 -27.13 24.54 -5.19
N VAL A 50 -26.02 24.43 -5.94
CA VAL A 50 -25.92 23.63 -7.17
C VAL A 50 -25.49 22.17 -6.90
N GLY A 51 -25.29 21.81 -5.61
CA GLY A 51 -25.01 20.45 -5.20
C GLY A 51 -23.55 20.04 -5.28
N GLU A 52 -23.15 19.15 -4.37
CA GLU A 52 -21.82 18.59 -4.28
C GLU A 52 -21.94 17.09 -3.97
N ALA A 53 -21.07 16.29 -4.59
CA ALA A 53 -20.96 14.84 -4.34
C ALA A 53 -19.62 14.53 -3.68
N THR A 54 -19.54 13.35 -3.03
CA THR A 54 -18.43 12.96 -2.17
C THR A 54 -18.05 11.49 -2.36
N VAL A 55 -17.06 11.03 -1.58
CA VAL A 55 -16.64 9.64 -1.53
C VAL A 55 -16.97 9.04 -0.17
N PRO A 56 -17.02 7.69 -0.07
CA PRO A 56 -17.50 7.03 1.16
C PRO A 56 -16.76 7.24 2.50
N ASN A 57 -15.48 7.63 2.47
CA ASN A 57 -14.70 7.74 3.74
C ASN A 57 -15.11 8.99 4.54
N LEU A 58 -15.93 9.88 3.95
CA LEU A 58 -16.17 11.18 4.56
C LEU A 58 -16.69 11.06 5.98
N GLN A 59 -17.66 10.17 6.23
CA GLN A 59 -18.25 10.04 7.59
C GLN A 59 -17.21 9.52 8.60
N ARG A 60 -16.43 8.49 8.24
CA ARG A 60 -15.51 7.86 9.21
C ARG A 60 -14.32 8.78 9.43
N ALA A 61 -13.79 9.36 8.36
CA ALA A 61 -12.52 10.11 8.45
C ALA A 61 -12.77 11.52 9.03
N PHE A 62 -13.97 12.09 8.84
CA PHE A 62 -14.19 13.50 9.19
C PHE A 62 -15.25 13.67 10.27
N PHE A 63 -16.52 13.35 9.99
CA PHE A 63 -17.59 13.66 10.93
C PHE A 63 -17.49 12.79 12.21
N ASP A 64 -17.07 11.53 12.09
CA ASP A 64 -16.91 10.65 13.27
C ASP A 64 -15.70 11.12 14.10
N TYR A 65 -14.65 11.62 13.44
CA TYR A 65 -13.51 12.20 14.16
C TYR A 65 -13.99 13.35 15.05
N LEU A 66 -14.95 14.15 14.57
CA LEU A 66 -15.50 15.31 15.29
C LEU A 66 -16.63 14.87 16.24
N GLY A 67 -17.07 13.62 16.22
CA GLY A 67 -18.24 13.15 17.03
C GLY A 67 -19.58 13.65 16.49
N ILE A 68 -19.69 13.87 15.19
CA ILE A 68 -20.98 14.30 14.62
C ILE A 68 -21.68 13.11 13.97
N PRO A 69 -22.86 12.65 14.44
CA PRO A 69 -23.56 11.54 13.80
C PRO A 69 -24.06 11.88 12.38
N GLU A 70 -24.04 10.86 11.50
CA GLU A 70 -24.43 10.97 10.10
C GLU A 70 -25.77 11.71 9.95
N GLU A 71 -26.75 11.32 10.76
CA GLU A 71 -28.12 11.78 10.65
C GLU A 71 -28.21 13.27 10.96
N GLU A 72 -27.37 13.70 11.90
CA GLU A 72 -27.44 15.05 12.43
C GLU A 72 -27.06 16.04 11.32
N TRP A 73 -25.93 15.79 10.64
CA TRP A 73 -25.45 16.73 9.60
C TRP A 73 -26.25 16.59 8.30
N MET A 74 -26.66 15.37 7.96
CA MET A 74 -27.44 15.16 6.72
C MET A 74 -28.75 15.96 6.78
N ARG A 75 -29.35 16.03 7.98
CA ARG A 75 -30.68 16.66 8.15
C ARG A 75 -30.59 18.18 7.94
N GLU A 76 -29.39 18.76 8.11
CA GLU A 76 -29.17 20.21 8.04
C GLU A 76 -28.72 20.68 6.64
N CYS A 77 -28.42 19.77 5.71
N CYS A 77 -28.47 19.77 5.70
CA CYS A 77 -27.95 20.21 4.37
CA CYS A 77 -27.91 20.17 4.41
C CYS A 77 -28.65 19.50 3.20
C CYS A 77 -28.65 19.48 3.24
N ASN A 78 -29.89 19.03 3.48
N ASN A 78 -29.90 19.01 3.49
CA ASN A 78 -30.78 18.32 2.55
CA ASN A 78 -30.77 18.39 2.47
C ASN A 78 -30.01 17.23 1.79
C ASN A 78 -30.02 17.23 1.78
N ALA A 79 -29.26 16.44 2.55
CA ALA A 79 -28.37 15.46 2.00
C ALA A 79 -29.15 14.27 1.44
N SER A 80 -28.52 13.58 0.47
CA SER A 80 -29.05 12.35 -0.11
C SER A 80 -27.90 11.37 -0.35
N TYR A 81 -28.23 10.20 -0.93
CA TYR A 81 -27.34 9.00 -0.97
C TYR A 81 -26.77 8.81 -2.38
N LYS A 82 -25.49 8.41 -2.45
CA LYS A 82 -24.74 8.22 -3.68
C LYS A 82 -24.08 6.84 -3.68
N MET A 83 -24.43 5.98 -4.65
CA MET A 83 -23.81 4.65 -4.74
C MET A 83 -22.83 4.57 -5.90
N ALA A 84 -22.83 5.59 -6.76
CA ALA A 84 -21.92 5.59 -7.92
C ALA A 84 -21.98 6.93 -8.64
N VAL A 85 -21.00 7.11 -9.54
CA VAL A 85 -21.14 7.99 -10.67
C VAL A 85 -21.57 7.12 -11.86
N LYS A 86 -22.63 7.58 -12.54
CA LYS A 86 -23.21 6.94 -13.73
C LYS A 86 -22.93 7.80 -14.96
N PHE A 87 -22.20 7.23 -15.93
CA PHE A 87 -21.79 7.89 -17.13
C PHE A 87 -22.78 7.58 -18.27
N ILE A 88 -23.32 8.65 -18.89
CA ILE A 88 -24.36 8.57 -19.90
C ILE A 88 -23.88 9.28 -21.18
N ASN A 89 -23.86 8.53 -22.29
CA ASN A 89 -23.64 9.01 -23.64
C ASN A 89 -22.17 9.39 -23.88
N TRP A 90 -21.26 8.74 -23.15
CA TRP A 90 -19.83 9.01 -23.31
C TRP A 90 -19.23 8.27 -24.51
N ARG A 91 -19.99 7.37 -25.15
CA ARG A 91 -19.44 6.62 -26.30
C ARG A 91 -20.15 6.94 -27.62
N THR A 92 -21.24 7.72 -27.59
CA THR A 92 -22.11 7.91 -28.75
C THR A 92 -22.24 9.39 -29.11
N PRO A 93 -22.37 9.73 -30.42
CA PRO A 93 -22.36 11.12 -30.87
C PRO A 93 -23.73 11.79 -30.69
N GLY A 94 -23.72 13.12 -30.68
CA GLY A 94 -24.95 13.91 -30.70
C GLY A 94 -25.04 14.93 -29.58
N GLU A 95 -26.14 15.67 -29.61
CA GLU A 95 -26.49 16.67 -28.62
C GLU A 95 -26.60 16.03 -27.24
N GLY A 96 -26.50 16.88 -26.22
CA GLY A 96 -26.77 16.52 -24.87
C GLY A 96 -28.20 16.09 -24.68
N SER A 97 -28.37 14.90 -24.10
CA SER A 97 -29.64 14.39 -23.72
C SER A 97 -29.48 13.62 -22.40
N PRO A 98 -30.46 13.73 -21.48
CA PRO A 98 -30.46 12.93 -20.26
C PRO A 98 -30.75 11.43 -20.51
N ASP A 99 -31.16 11.10 -21.75
CA ASP A 99 -31.56 9.73 -22.10
C ASP A 99 -30.43 9.05 -22.85
N PRO A 100 -30.08 7.83 -22.45
CA PRO A 100 -28.97 7.12 -23.08
C PRO A 100 -29.25 6.66 -24.52
N ARG A 101 -28.30 6.86 -25.42
CA ARG A 101 -28.40 6.39 -26.78
C ARG A 101 -28.04 4.91 -26.79
N THR A 102 -28.09 4.28 -27.99
CA THR A 102 -27.80 2.86 -28.19
C THR A 102 -26.48 2.73 -28.94
N LEU A 103 -25.61 1.83 -28.49
CA LEU A 103 -24.33 1.54 -29.14
C LEU A 103 -24.56 0.74 -30.42
N ASP A 104 -23.51 0.60 -31.24
CA ASP A 104 -23.59 -0.15 -32.49
C ASP A 104 -23.92 -1.61 -32.16
N ASP A 105 -23.51 -2.10 -30.98
CA ASP A 105 -23.63 -3.48 -30.59
C ASP A 105 -24.96 -3.74 -29.88
N GLY A 106 -25.83 -2.73 -29.77
CA GLY A 106 -27.15 -2.92 -29.18
C GLY A 106 -27.24 -2.49 -27.72
N HIS A 107 -26.10 -2.43 -27.00
CA HIS A 107 -26.11 -2.04 -25.57
C HIS A 107 -26.53 -0.56 -25.43
N THR A 108 -27.17 -0.22 -24.30
CA THR A 108 -27.41 1.17 -23.88
C THR A 108 -26.07 1.81 -23.47
N ASP A 109 -25.88 3.09 -23.83
CA ASP A 109 -24.65 3.84 -23.52
C ASP A 109 -24.68 4.40 -22.09
N THR A 110 -24.55 3.50 -21.11
CA THR A 110 -24.43 3.83 -19.72
C THR A 110 -23.46 2.85 -19.09
N PHE A 111 -22.63 3.37 -18.18
CA PHE A 111 -21.83 2.56 -17.29
C PHE A 111 -21.70 3.26 -15.93
N HIS A 112 -21.51 2.44 -14.89
CA HIS A 112 -21.41 2.86 -13.52
C HIS A 112 -19.98 2.66 -12.99
N HIS A 113 -19.62 3.57 -12.08
CA HIS A 113 -18.44 3.53 -11.25
C HIS A 113 -18.85 3.49 -9.79
N PRO A 114 -19.19 2.30 -9.24
CA PRO A 114 -19.65 2.21 -7.85
C PRO A 114 -18.49 2.06 -6.88
N PHE A 115 -18.83 2.03 -5.59
CA PHE A 115 -17.90 1.94 -4.50
C PHE A 115 -17.77 0.46 -4.08
N GLY A 116 -16.85 0.17 -3.16
CA GLY A 116 -16.67 -1.22 -2.71
C GLY A 116 -15.59 -1.95 -3.51
N LEU A 117 -14.93 -2.91 -2.85
CA LEU A 117 -13.87 -3.70 -3.46
C LEU A 117 -14.51 -4.96 -4.05
N LEU A 118 -13.93 -5.42 -5.17
CA LEU A 118 -14.34 -6.59 -5.87
C LEU A 118 -13.93 -7.81 -5.07
N PRO A 119 -14.73 -8.88 -5.01
CA PRO A 119 -14.26 -10.13 -4.44
C PRO A 119 -13.21 -10.79 -5.35
N SER A 120 -12.52 -11.79 -4.79
CA SER A 120 -11.45 -12.55 -5.44
C SER A 120 -11.80 -14.04 -5.44
N ALA A 121 -11.29 -14.78 -6.45
CA ALA A 121 -11.20 -16.21 -6.36
C ALA A 121 -9.76 -16.58 -6.73
N ASP A 122 -9.13 -17.38 -5.85
CA ASP A 122 -7.77 -17.85 -6.04
C ASP A 122 -6.86 -16.63 -6.20
N GLN A 123 -7.13 -15.56 -5.45
CA GLN A 123 -6.24 -14.38 -5.41
C GLN A 123 -6.32 -13.61 -6.73
N ILE A 124 -7.35 -13.86 -7.56
CA ILE A 124 -7.60 -13.12 -8.78
C ILE A 124 -8.93 -12.38 -8.65
N PRO A 125 -8.98 -11.06 -8.90
CA PRO A 125 -10.24 -10.33 -8.75
C PRO A 125 -11.31 -10.76 -9.77
N LEU A 126 -12.58 -10.55 -9.41
CA LEU A 126 -13.70 -11.01 -10.21
C LEU A 126 -13.70 -10.34 -11.59
N SER A 127 -13.11 -9.14 -11.68
CA SER A 127 -12.94 -8.42 -12.91
C SER A 127 -12.36 -9.31 -14.00
N HIS A 128 -11.37 -10.11 -13.65
CA HIS A 128 -10.57 -10.84 -14.62
C HIS A 128 -11.35 -12.07 -15.17
N TYR A 129 -12.18 -12.67 -14.30
CA TYR A 129 -13.03 -13.77 -14.72
C TYR A 129 -14.11 -13.21 -15.66
N TRP A 130 -14.67 -12.04 -15.33
CA TRP A 130 -15.62 -11.39 -16.23
C TRP A 130 -14.99 -11.12 -17.61
N ALA A 131 -13.75 -10.61 -17.62
CA ALA A 131 -13.11 -10.20 -18.89
C ALA A 131 -12.88 -11.42 -19.80
N ALA A 132 -12.42 -12.50 -19.20
CA ALA A 132 -12.21 -13.76 -19.88
C ALA A 132 -13.53 -14.20 -20.58
N LYS A 133 -14.63 -14.18 -19.85
CA LYS A 133 -15.91 -14.68 -20.42
C LYS A 133 -16.41 -13.74 -21.52
N ARG A 134 -16.29 -12.41 -21.33
CA ARG A 134 -16.74 -11.44 -22.28
C ARG A 134 -15.91 -11.55 -23.56
N LEU A 135 -14.59 -11.71 -23.44
CA LEU A 135 -13.71 -11.76 -24.64
C LEU A 135 -13.95 -13.06 -25.42
N GLN A 136 -14.50 -14.09 -24.77
CA GLN A 136 -14.67 -15.43 -25.37
C GLN A 136 -16.14 -15.60 -25.80
N GLY A 137 -16.99 -14.59 -25.63
CA GLY A 137 -18.39 -14.70 -25.96
C GLY A 137 -19.24 -15.52 -25.00
N GLU A 138 -18.74 -15.87 -23.80
CA GLU A 138 -19.53 -16.72 -22.91
C GLU A 138 -20.47 -15.86 -22.05
N THR A 139 -20.25 -14.54 -22.03
CA THR A 139 -21.23 -13.62 -21.45
C THR A 139 -21.39 -12.42 -22.38
N ASP A 140 -22.58 -11.83 -22.33
CA ASP A 140 -22.91 -10.54 -22.95
C ASP A 140 -23.11 -9.46 -21.87
N GLU A 141 -22.99 -9.82 -20.59
CA GLU A 141 -23.15 -8.85 -19.51
C GLU A 141 -22.00 -7.83 -19.52
N ASN A 142 -22.34 -6.60 -19.11
CA ASN A 142 -21.37 -5.55 -18.87
C ASN A 142 -20.65 -5.84 -17.53
N PHE A 143 -19.48 -5.22 -17.38
CA PHE A 143 -18.64 -5.36 -16.20
C PHE A 143 -19.42 -4.96 -14.94
N ASP A 144 -20.05 -3.77 -14.98
CA ASP A 144 -20.66 -3.19 -13.81
C ASP A 144 -21.81 -4.08 -13.29
N GLU A 145 -22.56 -4.68 -14.19
CA GLU A 145 -23.75 -5.48 -13.77
C GLU A 145 -23.35 -6.89 -13.33
N ALA A 146 -22.27 -7.44 -13.89
CA ALA A 146 -21.78 -8.77 -13.53
C ALA A 146 -21.12 -8.75 -12.15
N CYS A 147 -20.42 -7.64 -11.82
CA CYS A 147 -19.47 -7.68 -10.71
C CYS A 147 -19.96 -6.93 -9.46
N PHE A 148 -20.96 -6.07 -9.56
CA PHE A 148 -21.44 -5.30 -8.37
C PHE A 148 -22.98 -5.41 -8.28
N ALA A 149 -23.51 -5.81 -7.14
CA ALA A 149 -24.95 -5.92 -6.98
C ALA A 149 -25.55 -4.50 -6.91
N ASP A 150 -24.70 -3.51 -6.60
CA ASP A 150 -25.13 -2.14 -6.49
C ASP A 150 -25.79 -1.70 -7.80
N THR A 151 -25.31 -2.21 -8.94
CA THR A 151 -25.83 -1.83 -10.23
C THR A 151 -27.34 -2.09 -10.30
N ALA A 152 -27.78 -3.26 -9.85
CA ALA A 152 -29.21 -3.61 -9.89
C ALA A 152 -30.00 -2.73 -8.92
N ILE A 153 -29.45 -2.49 -7.73
CA ILE A 153 -30.10 -1.61 -6.75
C ILE A 153 -30.31 -0.19 -7.31
N MET A 154 -29.29 0.35 -7.96
CA MET A 154 -29.36 1.68 -8.56
C MET A 154 -30.36 1.73 -9.74
N ASN A 155 -30.36 0.71 -10.61
CA ASN A 155 -31.35 0.56 -11.72
C ASN A 155 -32.81 0.56 -11.21
N ALA A 156 -33.08 0.02 -10.02
CA ALA A 156 -34.43 0.09 -9.38
C ALA A 156 -34.60 1.32 -8.46
N LYS A 157 -33.56 2.18 -8.32
CA LYS A 157 -33.54 3.40 -7.48
C LYS A 157 -33.82 3.11 -6.01
N LYS A 158 -33.40 1.96 -5.54
CA LYS A 158 -33.53 1.60 -4.13
C LYS A 158 -32.40 2.25 -3.29
N ALA A 159 -32.67 2.39 -2.00
CA ALA A 159 -31.78 2.99 -1.04
C ALA A 159 -30.68 2.03 -0.62
N PRO A 160 -29.54 2.57 -0.10
CA PRO A 160 -28.46 1.73 0.41
C PRO A 160 -28.59 1.32 1.88
N ARG A 161 -29.69 1.70 2.52
CA ARG A 161 -30.10 1.21 3.84
C ARG A 161 -31.61 0.83 3.83
N PHE A 162 -31.98 -0.09 4.73
CA PHE A 162 -33.39 -0.41 5.01
C PHE A 162 -34.00 0.72 5.86
N LEU A 163 -35.33 0.72 6.08
CA LEU A 163 -36.02 1.81 6.82
C LEU A 163 -35.60 1.82 8.29
N ASP A 164 -35.17 0.68 8.84
CA ASP A 164 -34.64 0.64 10.22
C ASP A 164 -33.16 1.07 10.28
N MET A 165 -32.58 1.45 9.11
CA MET A 165 -31.21 2.00 8.97
C MET A 165 -30.12 0.90 9.01
N ARG A 166 -30.49 -0.39 8.96
CA ARG A 166 -29.55 -1.46 8.56
C ARG A 166 -28.91 -1.10 7.21
N ARG A 167 -27.59 -1.27 7.11
CA ARG A 167 -26.82 -1.06 5.90
C ARG A 167 -27.02 -2.22 4.93
N ALA A 168 -27.18 -1.92 3.63
CA ALA A 168 -27.22 -2.93 2.60
C ALA A 168 -25.95 -2.86 1.72
N THR A 169 -25.40 -1.66 1.48
CA THR A 169 -24.25 -1.48 0.60
C THR A 169 -23.38 -0.31 1.05
N ASN A 170 -22.28 -0.10 0.33
CA ASN A 170 -21.47 1.09 0.39
C ASN A 170 -22.20 2.28 -0.22
N TYR A 171 -21.90 3.47 0.31
CA TYR A 171 -22.41 4.71 -0.24
C TYR A 171 -21.63 5.93 0.24
N ALA A 172 -21.85 7.04 -0.47
CA ALA A 172 -21.38 8.38 -0.14
C ALA A 172 -22.59 9.32 -0.18
N TRP A 173 -22.35 10.65 -0.26
CA TRP A 173 -23.37 11.66 -0.04
C TRP A 173 -23.41 12.68 -1.17
N HIS A 174 -24.63 13.18 -1.37
CA HIS A 174 -24.93 14.40 -2.06
C HIS A 174 -25.41 15.43 -1.05
N PHE A 175 -25.04 16.70 -1.23
CA PHE A 175 -25.52 17.74 -0.30
C PHE A 175 -25.34 19.16 -0.85
N ASP A 176 -25.94 20.10 -0.13
CA ASP A 176 -25.77 21.53 -0.33
C ASP A 176 -24.51 21.98 0.43
N ALA A 177 -23.48 22.36 -0.31
CA ALA A 177 -22.14 22.67 0.26
C ALA A 177 -22.19 23.87 1.20
N SER A 178 -23.01 24.86 0.85
CA SER A 178 -23.07 26.11 1.57
C SER A 178 -23.76 25.88 2.93
N LYS A 179 -24.72 24.93 2.99
CA LYS A 179 -25.31 24.53 4.26
C LYS A 179 -24.37 23.69 5.14
N VAL A 180 -23.59 22.78 4.54
CA VAL A 180 -22.60 22.01 5.30
C VAL A 180 -21.57 22.99 5.91
N ALA A 181 -21.17 23.99 5.12
CA ALA A 181 -20.21 24.96 5.60
C ALA A 181 -20.82 25.73 6.79
N ALA A 182 -22.09 26.13 6.70
CA ALA A 182 -22.78 26.87 7.79
C ALA A 182 -22.91 26.00 9.02
N PHE A 183 -23.17 24.69 8.81
CA PHE A 183 -23.31 23.78 9.90
C PHE A 183 -21.98 23.66 10.63
N LEU A 184 -20.90 23.55 9.85
CA LEU A 184 -19.57 23.40 10.42
C LEU A 184 -19.10 24.70 11.11
N ARG A 185 -19.44 25.86 10.54
CA ARG A 185 -19.09 27.15 11.20
C ARG A 185 -19.74 27.21 12.60
N ASN A 186 -21.02 26.85 12.68
CA ASN A 186 -21.77 26.84 13.90
C ASN A 186 -21.11 25.91 14.93
N PHE A 187 -20.77 24.70 14.48
CA PHE A 187 -20.08 23.73 15.28
C PHE A 187 -18.77 24.34 15.80
N ALA A 188 -17.93 24.89 14.92
CA ALA A 188 -16.58 25.30 15.33
C ALA A 188 -16.65 26.52 16.29
N VAL A 189 -17.56 27.46 16.04
CA VAL A 189 -17.68 28.65 16.89
C VAL A 189 -18.26 28.31 18.29
N THR A 190 -19.32 27.48 18.36
CA THR A 190 -20.04 27.18 19.62
C THR A 190 -19.45 26.00 20.39
N LYS A 191 -18.76 25.05 19.75
CA LYS A 191 -18.28 23.85 20.46
C LYS A 191 -16.75 23.82 20.58
N GLN A 192 -16.02 24.58 19.76
CA GLN A 192 -14.57 24.49 19.75
C GLN A 192 -13.90 25.86 19.99
N ALA A 193 -14.67 26.92 20.16
CA ALA A 193 -14.12 28.24 20.49
C ALA A 193 -13.21 28.78 19.36
N VAL A 194 -13.59 28.52 18.10
CA VAL A 194 -12.97 29.21 16.98
C VAL A 194 -13.54 30.63 16.92
N GLU A 195 -12.67 31.61 16.69
CA GLU A 195 -13.08 32.99 16.47
C GLU A 195 -13.34 33.22 14.98
N HIS A 196 -14.52 33.75 14.69
CA HIS A 196 -14.97 34.10 13.36
C HIS A 196 -14.87 35.61 13.17
N VAL A 197 -14.01 36.06 12.25
CA VAL A 197 -13.94 37.45 11.97
C VAL A 197 -14.58 37.70 10.61
N GLU A 198 -15.67 38.49 10.57
CA GLU A 198 -16.43 38.71 9.31
C GLU A 198 -15.96 40.01 8.65
N ASP A 199 -15.06 39.88 7.70
CA ASP A 199 -14.43 41.02 7.11
C ASP A 199 -13.60 40.48 5.95
N GLU A 200 -13.08 41.38 5.13
CA GLU A 200 -12.17 41.09 4.07
C GLU A 200 -10.74 41.43 4.48
N MET A 201 -9.78 40.74 3.83
CA MET A 201 -8.37 40.91 3.99
C MET A 201 -7.91 42.01 3.02
N THR A 202 -7.06 42.93 3.51
CA THR A 202 -6.48 43.97 2.66
C THR A 202 -4.97 43.89 2.62
N GLU A 203 -4.28 43.40 3.68
CA GLU A 203 -2.81 43.33 3.59
C GLU A 203 -2.31 42.03 4.21
N VAL A 204 -1.16 41.57 3.72
CA VAL A 204 -0.44 40.42 4.25
C VAL A 204 0.90 40.95 4.71
N LEU A 205 1.18 40.89 6.03
CA LEU A 205 2.43 41.42 6.62
C LEU A 205 3.43 40.28 6.84
N THR A 206 4.70 40.54 6.48
CA THR A 206 5.77 39.53 6.39
C THR A 206 7.03 40.03 7.13
N ASP A 207 7.85 39.09 7.65
CA ASP A 207 9.11 39.40 8.32
C ASP A 207 10.26 39.38 7.30
N GLU A 208 11.48 39.48 7.82
CA GLU A 208 12.69 39.62 6.96
C GLU A 208 12.94 38.34 6.13
N ARG A 209 12.36 37.19 6.54
CA ARG A 209 12.52 35.93 5.79
C ARG A 209 11.35 35.67 4.84
N GLY A 210 10.37 36.58 4.79
CA GLY A 210 9.17 36.38 4.01
C GLY A 210 8.13 35.49 4.68
N PHE A 211 8.28 35.23 5.98
CA PHE A 211 7.21 34.51 6.75
C PHE A 211 6.08 35.47 7.08
N ILE A 212 4.82 34.99 7.02
CA ILE A 212 3.67 35.87 7.32
C ILE A 212 3.64 36.04 8.84
N THR A 213 3.47 37.31 9.28
CA THR A 213 3.29 37.66 10.72
C THR A 213 1.84 38.04 11.04
N ALA A 214 1.10 38.54 10.06
CA ALA A 214 -0.30 38.94 10.30
C ALA A 214 -1.03 39.28 8.99
N LEU A 215 -2.35 39.33 9.06
CA LEU A 215 -3.23 39.86 8.03
C LEU A 215 -3.89 41.12 8.61
N ARG A 216 -4.06 42.14 7.78
CA ARG A 216 -4.95 43.26 8.10
C ARG A 216 -6.30 43.07 7.37
N THR A 217 -7.38 43.42 8.07
CA THR A 217 -8.71 43.43 7.52
C THR A 217 -9.10 44.84 7.07
N LYS A 218 -10.16 44.93 6.27
CA LYS A 218 -10.72 46.18 5.71
C LYS A 218 -11.07 47.19 6.81
N SER A 219 -11.59 46.74 7.94
CA SER A 219 -11.88 47.60 9.07
C SER A 219 -10.60 48.12 9.78
N GLY A 220 -9.41 47.60 9.45
CA GLY A 220 -8.18 48.11 10.05
C GLY A 220 -7.56 47.19 11.07
N ARG A 221 -8.33 46.25 11.60
CA ARG A 221 -7.88 45.27 12.61
C ARG A 221 -6.81 44.35 12.00
N ILE A 222 -5.81 44.04 12.83
CA ILE A 222 -4.68 43.22 12.46
C ILE A 222 -4.82 41.88 13.18
N LEU A 223 -4.82 40.77 12.42
CA LEU A 223 -4.85 39.42 13.02
C LEU A 223 -3.44 38.84 12.96
N GLN A 224 -2.80 38.68 14.13
CA GLN A 224 -1.48 38.11 14.23
C GLN A 224 -1.60 36.58 14.21
N GLY A 225 -0.56 35.90 13.71
CA GLY A 225 -0.50 34.47 13.84
C GLY A 225 0.86 33.90 13.50
N ASP A 226 0.99 32.58 13.67
CA ASP A 226 2.23 31.85 13.48
C ASP A 226 2.13 30.96 12.21
N LEU A 227 0.94 30.45 11.93
CA LEU A 227 0.69 29.59 10.79
C LEU A 227 -0.57 30.11 10.08
N PHE A 228 -0.52 30.18 8.75
CA PHE A 228 -1.62 30.72 7.96
C PHE A 228 -2.08 29.65 6.95
N VAL A 229 -3.39 29.41 6.92
CA VAL A 229 -3.98 28.50 5.98
C VAL A 229 -4.73 29.30 4.91
N ASP A 230 -4.33 29.13 3.63
CA ASP A 230 -5.00 29.80 2.50
C ASP A 230 -6.18 28.94 2.00
N CYS A 231 -7.39 29.32 2.40
CA CYS A 231 -8.61 28.76 1.83
C CYS A 231 -9.35 29.86 1.03
N SER A 232 -8.60 30.72 0.32
CA SER A 232 -9.25 31.90 -0.36
C SER A 232 -9.79 31.55 -1.76
N GLY A 233 -9.69 30.30 -2.19
CA GLY A 233 -10.23 29.90 -3.50
C GLY A 233 -9.23 30.10 -4.62
N PHE A 234 -9.74 30.20 -5.86
CA PHE A 234 -8.94 30.27 -7.06
C PHE A 234 -7.97 31.47 -7.02
N ARG A 235 -8.29 32.53 -6.25
CA ARG A 235 -7.40 33.74 -6.24
C ARG A 235 -6.07 33.41 -5.55
N GLY A 236 -6.08 32.48 -4.58
CA GLY A 236 -4.85 32.16 -3.84
C GLY A 236 -4.16 33.41 -3.31
N LEU A 237 -4.91 34.17 -2.48
CA LEU A 237 -4.51 35.48 -1.99
C LEU A 237 -3.22 35.40 -1.16
N LEU A 238 -2.96 34.26 -0.50
CA LEU A 238 -1.70 34.08 0.26
C LEU A 238 -0.65 33.33 -0.55
N ILE A 239 -0.98 32.11 -1.01
CA ILE A 239 0.02 31.20 -1.59
C ILE A 239 0.55 31.76 -2.92
N ASN A 240 -0.33 32.30 -3.78
CA ASN A 240 0.08 32.78 -5.12
C ASN A 240 0.48 34.28 -5.07
N LYS A 241 -0.33 35.16 -4.49
CA LYS A 241 -0.10 36.63 -4.51
C LYS A 241 1.02 37.02 -3.54
N ALA A 242 0.81 36.78 -2.24
CA ALA A 242 1.73 37.24 -1.23
C ALA A 242 3.02 36.42 -1.22
N MET A 243 2.93 35.08 -1.28
CA MET A 243 4.12 34.25 -1.22
C MET A 243 4.73 34.05 -2.64
N GLU A 244 4.02 34.44 -3.69
CA GLU A 244 4.52 34.38 -5.10
C GLU A 244 4.85 32.94 -5.56
N GLU A 245 4.13 31.95 -5.05
CA GLU A 245 4.32 30.57 -5.51
C GLU A 245 3.62 30.42 -6.87
N PRO A 246 4.31 29.93 -7.94
CA PRO A 246 3.64 29.71 -9.23
C PRO A 246 2.61 28.55 -9.22
N PHE A 247 1.52 28.75 -9.93
CA PHE A 247 0.54 27.74 -10.20
C PHE A 247 0.94 27.05 -11.50
N ILE A 248 0.97 25.71 -11.50
CA ILE A 248 1.21 24.93 -12.70
C ILE A 248 -0.12 24.59 -13.37
N ASP A 249 -0.39 25.27 -14.49
CA ASP A 249 -1.58 25.10 -15.32
C ASP A 249 -1.52 23.72 -16.00
N MET A 250 -2.59 22.92 -15.92
CA MET A 250 -2.51 21.57 -16.51
C MET A 250 -3.63 21.35 -17.56
N SER A 251 -3.86 22.40 -18.37
CA SER A 251 -4.83 22.40 -19.46
C SER A 251 -4.31 21.56 -20.65
N ASP A 252 -3.04 21.13 -20.60
CA ASP A 252 -2.48 20.15 -21.54
C ASP A 252 -2.84 18.71 -21.13
N HIS A 253 -3.62 18.55 -20.04
CA HIS A 253 -4.09 17.24 -19.61
C HIS A 253 -5.62 17.19 -19.60
N LEU A 254 -6.26 18.30 -19.28
CA LEU A 254 -7.71 18.41 -19.19
C LEU A 254 -8.12 19.75 -19.75
N LEU A 255 -9.22 19.77 -20.51
CA LEU A 255 -9.53 20.89 -21.41
C LEU A 255 -10.60 21.80 -20.82
N CYS A 256 -11.49 21.23 -20.02
CA CYS A 256 -12.60 21.99 -19.47
C CYS A 256 -12.07 23.01 -18.49
N ASN A 257 -12.69 24.20 -18.52
CA ASN A 257 -12.17 25.36 -17.79
C ASN A 257 -13.31 26.25 -17.28
N SER A 258 -14.57 25.80 -17.37
CA SER A 258 -15.74 26.66 -17.12
C SER A 258 -16.93 25.78 -16.72
N ALA A 259 -17.90 26.39 -16.03
CA ALA A 259 -19.14 25.73 -15.74
C ALA A 259 -20.29 26.73 -15.65
N VAL A 260 -21.49 26.23 -15.93
CA VAL A 260 -22.72 26.96 -15.73
C VAL A 260 -23.70 26.03 -15.02
N ALA A 261 -24.25 26.49 -13.90
CA ALA A 261 -24.96 25.62 -12.97
C ALA A 261 -26.25 26.28 -12.46
N THR A 262 -27.17 25.44 -12.02
CA THR A 262 -28.37 25.87 -11.33
C THR A 262 -28.89 24.71 -10.49
N ALA A 263 -30.04 24.92 -9.87
CA ALA A 263 -30.76 23.88 -9.16
C ALA A 263 -32.16 23.81 -9.75
N VAL A 264 -32.68 22.60 -9.90
CA VAL A 264 -33.89 22.34 -10.68
C VAL A 264 -34.90 21.67 -9.76
N PRO A 265 -36.10 22.25 -9.53
CA PRO A 265 -37.11 21.60 -8.69
C PRO A 265 -37.50 20.28 -9.36
N HIS A 266 -37.88 19.29 -8.56
CA HIS A 266 -38.02 17.93 -9.05
C HIS A 266 -39.20 17.28 -8.35
N ASP A 267 -39.97 16.51 -9.12
CA ASP A 267 -41.09 15.78 -8.57
C ASP A 267 -40.60 14.38 -8.15
N ASP A 268 -40.27 14.26 -6.86
CA ASP A 268 -39.69 13.07 -6.30
C ASP A 268 -40.73 11.93 -6.28
N GLU A 269 -42.00 12.28 -6.07
CA GLU A 269 -43.09 11.30 -5.94
C GLU A 269 -43.36 10.61 -7.28
N LYS A 270 -43.33 11.39 -8.36
CA LYS A 270 -43.59 10.88 -9.68
C LYS A 270 -42.39 10.03 -10.16
N ASN A 271 -41.16 10.59 -10.09
CA ASN A 271 -39.97 10.00 -10.76
C ASN A 271 -39.09 9.14 -9.82
N GLY A 272 -39.33 9.19 -8.51
CA GLY A 272 -38.37 8.68 -7.51
C GLY A 272 -37.09 9.53 -7.44
N VAL A 273 -36.19 9.18 -6.51
CA VAL A 273 -34.89 9.83 -6.40
C VAL A 273 -33.79 8.83 -6.78
N GLU A 274 -32.95 9.18 -7.75
CA GLU A 274 -31.80 8.35 -8.15
C GLU A 274 -30.72 8.35 -7.06
N PRO A 275 -30.28 7.18 -6.56
CA PRO A 275 -29.19 7.13 -5.59
C PRO A 275 -27.79 7.17 -6.21
N TYR A 276 -27.55 8.17 -7.07
CA TYR A 276 -26.29 8.29 -7.76
C TYR A 276 -26.18 9.66 -8.43
N THR A 277 -24.92 10.04 -8.72
CA THR A 277 -24.57 11.22 -9.51
C THR A 277 -24.49 10.77 -10.97
N SER A 278 -25.07 11.56 -11.88
CA SER A 278 -24.97 11.29 -13.32
C SER A 278 -23.99 12.27 -13.92
N SER A 279 -23.20 11.77 -14.88
CA SER A 279 -22.34 12.51 -15.72
C SER A 279 -22.79 12.29 -17.19
N ILE A 280 -23.50 13.29 -17.71
CA ILE A 280 -24.15 13.31 -19.02
C ILE A 280 -23.24 14.00 -20.02
N ALA A 281 -22.73 13.24 -21.00
CA ALA A 281 -21.79 13.78 -21.96
C ALA A 281 -22.51 14.84 -22.81
N MET A 282 -21.80 15.93 -23.11
CA MET A 282 -22.32 17.02 -23.95
C MET A 282 -21.40 17.17 -25.14
N GLU A 283 -21.65 18.16 -26.00
CA GLU A 283 -20.86 18.34 -27.24
C GLU A 283 -19.52 18.98 -26.93
N ALA A 284 -19.49 19.80 -25.87
CA ALA A 284 -18.26 20.49 -25.50
C ALA A 284 -17.94 20.30 -24.01
N GLY A 285 -18.42 19.20 -23.43
CA GLY A 285 -18.01 18.76 -22.07
C GLY A 285 -18.99 17.74 -21.51
N TRP A 286 -19.49 17.99 -20.29
CA TRP A 286 -20.46 17.11 -19.64
C TRP A 286 -21.24 17.89 -18.59
N THR A 287 -22.35 17.29 -18.12
CA THR A 287 -23.25 17.90 -17.21
C THR A 287 -23.46 16.95 -16.02
N TRP A 288 -23.34 17.49 -14.81
CA TRP A 288 -23.57 16.74 -13.60
C TRP A 288 -25.04 16.81 -13.23
N LYS A 289 -25.51 15.74 -12.58
CA LYS A 289 -26.80 15.73 -11.94
C LYS A 289 -26.65 15.12 -10.55
N ILE A 290 -26.95 15.92 -9.51
CA ILE A 290 -26.76 15.57 -8.11
C ILE A 290 -28.12 15.70 -7.41
N PRO A 291 -28.89 14.59 -7.28
CA PRO A 291 -30.19 14.62 -6.62
C PRO A 291 -30.09 14.85 -5.10
N MET A 292 -31.01 15.67 -4.59
CA MET A 292 -31.32 15.90 -3.17
C MET A 292 -32.84 15.77 -3.02
N LEU A 293 -33.37 15.95 -1.81
CA LEU A 293 -34.85 15.95 -1.66
C LEU A 293 -35.43 17.23 -2.28
N GLY A 294 -36.38 17.06 -3.19
CA GLY A 294 -37.16 18.14 -3.79
C GLY A 294 -36.47 18.78 -4.99
N ARG A 295 -35.18 18.48 -5.23
CA ARG A 295 -34.46 19.17 -6.29
C ARG A 295 -33.20 18.40 -6.66
N PHE A 296 -32.62 18.74 -7.81
CA PHE A 296 -31.30 18.28 -8.16
C PHE A 296 -30.45 19.48 -8.54
N GLY A 297 -29.19 19.43 -8.14
CA GLY A 297 -28.19 20.32 -8.64
C GLY A 297 -27.68 19.83 -9.98
N SER A 298 -27.41 20.76 -10.88
CA SER A 298 -26.89 20.40 -12.16
C SER A 298 -25.95 21.49 -12.67
N GLY A 299 -24.96 21.09 -13.45
CA GLY A 299 -23.99 22.00 -13.99
C GLY A 299 -23.30 21.41 -15.20
N HIS A 300 -23.22 22.23 -16.26
CA HIS A 300 -22.49 21.90 -17.47
C HIS A 300 -21.06 22.42 -17.35
N VAL A 301 -20.10 21.48 -17.35
CA VAL A 301 -18.71 21.73 -17.37
C VAL A 301 -18.29 21.75 -18.85
N TYR A 302 -17.55 22.77 -19.27
CA TYR A 302 -17.26 22.96 -20.70
C TYR A 302 -15.90 23.63 -20.86
N SER A 303 -15.34 23.53 -22.06
CA SER A 303 -14.13 24.26 -22.44
C SER A 303 -14.56 25.49 -23.25
N ASP A 304 -14.15 26.68 -22.78
CA ASP A 304 -14.51 27.96 -23.41
C ASP A 304 -13.71 28.17 -24.71
N HIS A 305 -12.73 27.31 -25.01
CA HIS A 305 -12.10 27.23 -26.33
C HIS A 305 -13.00 26.57 -27.40
N PHE A 306 -14.10 25.91 -27.01
CA PHE A 306 -14.94 25.09 -27.95
C PHE A 306 -16.43 25.47 -27.84
N ALA A 307 -16.78 26.30 -26.87
CA ALA A 307 -18.11 26.79 -26.72
C ALA A 307 -18.04 28.10 -25.92
N THR A 308 -18.91 29.03 -26.30
CA THR A 308 -19.07 30.28 -25.62
C THR A 308 -20.03 30.06 -24.46
N GLN A 309 -19.97 30.96 -23.48
CA GLN A 309 -20.89 30.96 -22.38
C GLN A 309 -22.33 30.81 -22.86
N ASP A 310 -22.73 31.57 -23.90
CA ASP A 310 -24.12 31.53 -24.38
C ASP A 310 -24.46 30.16 -24.98
N GLU A 311 -23.56 29.61 -25.80
CA GLU A 311 -23.76 28.28 -26.41
C GLU A 311 -23.97 27.22 -25.32
N ALA A 312 -23.07 27.23 -24.33
CA ALA A 312 -23.10 26.30 -23.19
C ALA A 312 -24.40 26.47 -22.42
N THR A 313 -24.77 27.73 -22.15
CA THR A 313 -25.95 28.00 -21.33
C THR A 313 -27.20 27.48 -22.03
N LEU A 314 -27.24 27.63 -23.36
CA LEU A 314 -28.39 27.18 -24.21
C LEU A 314 -28.47 25.64 -24.22
N ALA A 315 -27.33 24.99 -24.43
CA ALA A 315 -27.26 23.51 -24.49
C ALA A 315 -27.65 22.91 -23.12
N PHE A 316 -27.25 23.59 -22.03
CA PHE A 316 -27.58 23.16 -20.65
C PHE A 316 -29.08 23.31 -20.39
N SER A 317 -29.64 24.45 -20.78
CA SER A 317 -31.08 24.72 -20.67
C SER A 317 -31.92 23.70 -21.45
N LYS A 318 -31.49 23.37 -22.68
CA LYS A 318 -32.18 22.40 -23.55
C LYS A 318 -32.21 21.00 -22.92
N LEU A 319 -31.16 20.61 -22.18
CA LEU A 319 -31.13 19.31 -21.46
C LEU A 319 -32.38 19.11 -20.64
N TRP A 320 -32.70 20.12 -19.81
CA TRP A 320 -33.73 19.99 -18.77
C TRP A 320 -35.00 20.76 -19.13
N GLY A 321 -35.02 21.37 -20.33
CA GLY A 321 -36.13 22.19 -20.79
C GLY A 321 -36.33 23.44 -19.93
N LEU A 322 -35.23 24.10 -19.57
CA LEU A 322 -35.29 25.33 -18.83
C LEU A 322 -35.43 26.49 -19.83
N ASP A 323 -36.11 27.55 -19.39
CA ASP A 323 -36.18 28.81 -20.11
C ASP A 323 -34.92 29.59 -19.76
N PRO A 324 -33.99 29.82 -20.71
CA PRO A 324 -32.71 30.45 -20.38
C PRO A 324 -32.74 31.93 -19.96
N ASP A 325 -33.86 32.64 -20.14
CA ASP A 325 -33.91 34.06 -19.75
C ASP A 325 -34.64 34.21 -18.41
N ASN A 326 -35.39 33.18 -18.00
CA ASN A 326 -36.14 33.22 -16.74
C ASN A 326 -35.61 32.14 -15.77
N THR A 327 -34.27 31.96 -15.75
CA THR A 327 -33.58 30.98 -14.87
C THR A 327 -32.37 31.63 -14.19
N GLU A 328 -32.20 31.35 -12.89
CA GLU A 328 -31.01 31.77 -12.10
C GLU A 328 -29.81 30.83 -12.38
N PHE A 329 -28.72 31.37 -12.95
CA PHE A 329 -27.50 30.60 -13.29
C PHE A 329 -26.28 31.20 -12.57
N ASN A 330 -25.41 30.35 -12.01
CA ASN A 330 -24.01 30.71 -11.64
C ASN A 330 -23.07 30.30 -12.78
N HIS A 331 -22.13 31.20 -13.09
CA HIS A 331 -21.09 30.99 -14.09
C HIS A 331 -19.72 31.06 -13.39
N VAL A 332 -18.82 30.11 -13.68
CA VAL A 332 -17.53 30.02 -13.03
C VAL A 332 -16.51 29.78 -14.14
N ARG A 333 -15.36 30.46 -14.05
CA ARG A 333 -14.15 30.15 -14.80
C ARG A 333 -13.22 29.49 -13.78
N PHE A 334 -12.61 28.36 -14.11
CA PHE A 334 -11.69 27.77 -13.16
C PHE A 334 -10.27 27.64 -13.68
N ARG A 335 -9.41 27.44 -12.68
CA ARG A 335 -8.02 27.10 -12.77
C ARG A 335 -7.96 25.57 -12.75
N VAL A 336 -7.27 24.94 -13.71
CA VAL A 336 -7.01 23.50 -13.62
C VAL A 336 -5.51 23.24 -13.44
N GLY A 337 -5.18 22.56 -12.34
CA GLY A 337 -3.82 22.23 -12.02
C GLY A 337 -3.60 22.36 -10.53
N ARG A 338 -2.33 22.55 -10.13
CA ARG A 338 -1.98 22.75 -8.75
C ARG A 338 -0.78 23.70 -8.62
N ASN A 339 -0.58 24.20 -7.41
CA ASN A 339 0.61 24.97 -7.07
C ASN A 339 1.84 24.08 -7.21
N ARG A 340 2.99 24.73 -7.49
CA ARG A 340 4.25 24.08 -7.55
C ARG A 340 4.55 23.42 -6.20
N ARG A 341 4.27 24.14 -5.10
CA ARG A 341 4.30 23.59 -3.77
C ARG A 341 3.04 24.05 -3.05
N ALA A 342 2.41 23.18 -2.27
CA ALA A 342 1.15 23.54 -1.61
C ALA A 342 1.41 24.37 -0.34
N TRP A 343 2.53 24.10 0.32
CA TRP A 343 2.97 24.74 1.54
C TRP A 343 4.32 25.43 1.30
N VAL A 344 4.34 26.76 1.49
CA VAL A 344 5.54 27.59 1.38
C VAL A 344 5.69 28.41 2.67
N ARG A 345 6.88 28.37 3.27
CA ARG A 345 7.17 29.09 4.49
C ARG A 345 6.14 28.68 5.55
N ASN A 346 5.28 29.61 6.00
CA ASN A 346 4.29 29.31 7.04
C ASN A 346 2.88 29.52 6.49
N CYS A 347 2.75 29.30 5.16
CA CYS A 347 1.50 29.40 4.41
C CYS A 347 1.19 28.05 3.75
N VAL A 348 0.09 27.43 4.18
CA VAL A 348 -0.41 26.12 3.73
C VAL A 348 -1.69 26.34 2.94
N SER A 349 -1.70 25.94 1.64
CA SER A 349 -2.92 26.05 0.83
C SER A 349 -3.75 24.76 0.95
N VAL A 350 -5.07 24.95 1.00
CA VAL A 350 -6.07 23.92 1.15
C VAL A 350 -7.24 24.30 0.22
N GLY A 351 -7.83 23.32 -0.47
CA GLY A 351 -8.98 23.55 -1.35
C GLY A 351 -8.56 24.13 -2.72
N LEU A 352 -9.39 25.00 -3.26
CA LEU A 352 -9.22 25.60 -4.56
C LEU A 352 -7.95 26.44 -4.64
N ALA A 353 -7.53 27.03 -3.51
CA ALA A 353 -6.24 27.83 -3.49
C ALA A 353 -5.04 26.91 -3.75
N SER A 354 -5.22 25.59 -3.47
CA SER A 354 -4.14 24.63 -3.65
C SER A 354 -4.14 24.00 -5.05
N CYS A 355 -5.30 23.44 -5.44
CA CYS A 355 -5.38 22.58 -6.62
C CYS A 355 -6.84 22.31 -6.99
N PHE A 356 -7.09 21.94 -8.25
CA PHE A 356 -8.44 21.69 -8.72
C PHE A 356 -8.43 20.92 -10.05
N VAL A 357 -9.40 20.00 -10.15
CA VAL A 357 -9.87 19.35 -11.36
C VAL A 357 -11.39 19.42 -11.34
N GLU A 358 -11.98 19.32 -12.53
CA GLU A 358 -13.43 19.26 -12.66
C GLU A 358 -13.97 18.13 -11.77
N PRO A 359 -15.23 18.25 -11.30
CA PRO A 359 -15.83 17.27 -10.39
C PRO A 359 -16.37 15.96 -11.00
N LEU A 360 -15.61 15.39 -11.95
CA LEU A 360 -16.05 14.24 -12.73
C LEU A 360 -16.07 12.97 -11.88
N GLU A 361 -15.24 12.92 -10.83
CA GLU A 361 -15.24 11.79 -9.91
C GLU A 361 -15.35 12.25 -8.45
N SER A 362 -15.89 13.46 -8.23
CA SER A 362 -16.29 13.92 -6.86
C SER A 362 -15.06 13.94 -5.94
N SER A 363 -14.00 14.60 -6.40
CA SER A 363 -12.70 14.58 -5.70
C SER A 363 -12.51 15.82 -4.78
N GLY A 364 -13.34 16.87 -4.87
CA GLY A 364 -13.11 18.19 -4.25
C GLY A 364 -12.95 18.12 -2.72
N ILE A 365 -13.95 17.54 -2.04
CA ILE A 365 -13.97 17.44 -0.59
C ILE A 365 -12.88 16.48 -0.10
N TYR A 366 -12.64 15.41 -0.87
CA TYR A 366 -11.57 14.48 -0.60
C TYR A 366 -10.20 15.22 -0.56
N PHE A 367 -9.95 16.12 -1.51
CA PHE A 367 -8.64 16.80 -1.56
C PHE A 367 -8.47 17.68 -0.31
N ILE A 368 -9.57 18.28 0.17
CA ILE A 368 -9.59 19.10 1.39
C ILE A 368 -9.27 18.21 2.60
N TYR A 369 -10.05 17.13 2.82
CA TYR A 369 -9.89 16.27 3.96
C TYR A 369 -8.48 15.69 3.98
N ALA A 370 -7.95 15.35 2.81
CA ALA A 370 -6.63 14.71 2.75
C ALA A 370 -5.55 15.73 3.15
N ALA A 371 -5.69 16.97 2.67
CA ALA A 371 -4.72 18.02 2.97
C ALA A 371 -4.73 18.32 4.49
N ILE A 372 -5.91 18.39 5.08
CA ILE A 372 -6.07 18.71 6.49
C ILE A 372 -5.50 17.59 7.37
N HIS A 373 -5.81 16.35 7.00
CA HIS A 373 -5.27 15.20 7.65
C HIS A 373 -3.75 15.25 7.63
N MET A 374 -3.18 15.53 6.47
CA MET A 374 -1.72 15.52 6.32
C MET A 374 -1.11 16.70 7.08
N LEU A 375 -1.81 17.85 7.12
CA LEU A 375 -1.32 19.01 7.88
C LEU A 375 -1.26 18.67 9.36
N ALA A 376 -2.32 18.04 9.92
CA ALA A 376 -2.34 17.65 11.35
C ALA A 376 -1.15 16.72 11.68
N LYS A 377 -0.81 15.80 10.75
CA LYS A 377 0.27 14.83 10.97
C LYS A 377 1.64 15.50 10.80
N HIS A 378 1.76 16.45 9.86
CA HIS A 378 3.01 17.19 9.62
C HIS A 378 3.02 18.53 10.36
N PHE A 379 2.21 18.67 11.42
CA PHE A 379 2.03 19.97 12.06
C PHE A 379 3.38 20.46 12.59
N PRO A 380 3.75 21.72 12.28
CA PRO A 380 5.09 22.23 12.60
C PRO A 380 5.20 22.88 13.98
N ASP A 381 6.43 23.21 14.40
CA ASP A 381 6.65 24.26 15.40
C ASP A 381 7.21 25.47 14.65
N LYS A 382 7.59 26.52 15.38
CA LYS A 382 8.00 27.80 14.78
C LYS A 382 9.34 27.72 14.03
N THR A 383 10.09 26.63 14.15
CA THR A 383 11.34 26.45 13.35
C THR A 383 11.02 26.00 11.92
N PHE A 384 9.76 25.56 11.65
CA PHE A 384 9.30 25.07 10.33
C PHE A 384 10.34 24.17 9.66
N ASP A 385 10.62 23.03 10.26
CA ASP A 385 11.53 22.04 9.68
C ASP A 385 11.16 21.81 8.19
N LYS A 386 12.13 22.03 7.32
CA LYS A 386 11.97 21.95 5.85
C LYS A 386 11.59 20.52 5.39
N VAL A 387 12.09 19.49 6.06
CA VAL A 387 11.75 18.10 5.72
C VAL A 387 10.26 17.85 5.94
N LEU A 388 9.69 18.42 6.99
CA LEU A 388 8.28 18.27 7.33
C LEU A 388 7.41 18.89 6.21
N VAL A 389 7.80 20.10 5.77
CA VAL A 389 7.12 20.82 4.70
C VAL A 389 7.23 20.04 3.38
N ASP A 390 8.44 19.58 3.07
CA ASP A 390 8.72 18.81 1.86
C ASP A 390 7.84 17.53 1.79
N ARG A 391 7.75 16.79 2.90
CA ARG A 391 6.98 15.54 2.93
C ARG A 391 5.49 15.84 2.70
N PHE A 392 4.96 16.92 3.29
CA PHE A 392 3.61 17.30 3.05
C PHE A 392 3.39 17.61 1.57
N ASN A 393 4.29 18.39 0.98
CA ASN A 393 4.15 18.84 -0.38
C ASN A 393 4.13 17.61 -1.33
N ARG A 394 4.95 16.62 -1.03
CA ARG A 394 5.14 15.43 -1.81
C ARG A 394 3.83 14.62 -1.80
N GLU A 395 3.17 14.51 -0.65
CA GLU A 395 1.86 13.82 -0.60
C GLU A 395 0.80 14.54 -1.45
N ILE A 396 0.74 15.88 -1.36
CA ILE A 396 -0.28 16.62 -2.07
C ILE A 396 -0.05 16.43 -3.59
N GLU A 397 1.18 16.57 -4.07
CA GLU A 397 1.43 16.53 -5.51
C GLU A 397 1.13 15.13 -6.08
N GLU A 398 1.47 14.05 -5.38
CA GLU A 398 1.21 12.70 -5.87
C GLU A 398 -0.30 12.40 -5.89
N MET A 399 -1.02 12.80 -4.86
CA MET A 399 -2.46 12.65 -4.78
C MET A 399 -3.11 13.34 -5.97
N PHE A 400 -2.72 14.59 -6.24
CA PHE A 400 -3.33 15.37 -7.28
C PHE A 400 -3.00 14.76 -8.66
N ASP A 401 -1.71 14.55 -8.94
CA ASP A 401 -1.24 14.05 -10.26
C ASP A 401 -1.85 12.66 -10.56
N ASP A 402 -2.04 11.83 -9.52
CA ASP A 402 -2.71 10.52 -9.70
C ASP A 402 -4.17 10.71 -10.13
N THR A 403 -4.93 11.60 -9.49
CA THR A 403 -6.33 11.78 -9.82
C THR A 403 -6.46 12.47 -11.20
N ARG A 404 -5.52 13.36 -11.53
CA ARG A 404 -5.50 14.09 -12.78
C ARG A 404 -5.42 13.10 -13.96
N ASP A 405 -4.47 12.17 -13.88
CA ASP A 405 -4.28 11.11 -14.83
C ASP A 405 -5.53 10.24 -14.95
N PHE A 406 -6.11 9.82 -13.81
CA PHE A 406 -7.35 9.03 -13.83
C PHE A 406 -8.44 9.78 -14.62
N LEU A 407 -8.59 11.09 -14.37
CA LEU A 407 -9.62 11.88 -15.05
C LEU A 407 -9.33 11.94 -16.55
N GLN A 408 -8.07 12.18 -16.93
CA GLN A 408 -7.68 12.28 -18.33
C GLN A 408 -8.10 11.00 -19.09
N ALA A 409 -7.97 9.84 -18.45
CA ALA A 409 -8.34 8.56 -19.03
C ALA A 409 -9.83 8.51 -19.40
N HIS A 410 -10.71 9.20 -18.67
CA HIS A 410 -12.12 9.21 -19.02
C HIS A 410 -12.33 9.80 -20.42
N TYR A 411 -11.46 10.76 -20.80
CA TYR A 411 -11.61 11.55 -22.03
C TYR A 411 -10.82 10.90 -23.18
N TYR A 412 -9.60 10.47 -22.89
CA TYR A 412 -8.68 9.96 -23.88
C TYR A 412 -9.24 8.67 -24.52
N PHE A 413 -9.97 7.85 -23.76
CA PHE A 413 -10.45 6.54 -24.21
C PHE A 413 -11.92 6.62 -24.57
N SER A 414 -12.56 7.79 -24.50
CA SER A 414 -13.86 7.97 -25.17
C SER A 414 -13.69 7.71 -26.67
N PRO A 415 -14.56 6.91 -27.30
CA PRO A 415 -14.50 6.77 -28.75
C PRO A 415 -15.11 7.96 -29.53
N ARG A 416 -15.72 8.94 -28.86
CA ARG A 416 -16.40 10.03 -29.56
C ARG A 416 -15.44 10.87 -30.43
N VAL A 417 -15.86 11.17 -31.67
CA VAL A 417 -15.10 12.06 -32.56
C VAL A 417 -16.05 13.04 -33.23
N ASP A 418 -17.28 13.18 -32.72
CA ASP A 418 -18.30 13.94 -33.41
C ASP A 418 -18.13 15.48 -33.31
N THR A 419 -17.36 16.00 -32.34
CA THR A 419 -17.18 17.45 -32.24
C THR A 419 -15.68 17.74 -32.14
N PRO A 420 -15.22 18.99 -32.39
CA PRO A 420 -13.82 19.35 -32.18
C PRO A 420 -13.33 19.12 -30.74
N PHE A 421 -14.17 19.38 -29.73
CA PHE A 421 -13.84 19.08 -28.33
C PHE A 421 -13.46 17.60 -28.16
N TRP A 422 -14.35 16.67 -28.57
CA TRP A 422 -14.06 15.22 -28.37
C TRP A 422 -12.80 14.80 -29.12
N ARG A 423 -12.58 15.33 -30.34
CA ARG A 423 -11.36 15.01 -31.09
C ARG A 423 -10.14 15.65 -30.41
N ALA A 424 -10.30 16.87 -29.89
CA ALA A 424 -9.14 17.61 -29.26
C ALA A 424 -8.57 16.83 -28.07
N ASN A 425 -9.45 16.14 -27.33
CA ASN A 425 -8.99 15.29 -26.19
C ASN A 425 -7.95 14.26 -26.64
N LYS A 426 -8.06 13.76 -27.86
CA LYS A 426 -7.20 12.65 -28.28
C LYS A 426 -5.84 13.15 -28.80
N GLU A 427 -5.66 14.47 -28.93
CA GLU A 427 -4.37 15.05 -29.38
C GLU A 427 -3.49 15.44 -28.20
N LEU A 428 -4.05 15.42 -26.98
CA LEU A 428 -3.26 15.62 -25.74
C LEU A 428 -2.39 14.40 -25.47
N LYS A 429 -1.28 14.59 -24.78
CA LYS A 429 -0.40 13.46 -24.40
C LYS A 429 -0.89 12.85 -23.08
N LEU A 430 -0.91 11.51 -23.00
CA LEU A 430 -1.13 10.80 -21.76
C LEU A 430 0.14 10.88 -20.92
N ALA A 431 0.00 11.10 -19.60
CA ALA A 431 1.17 10.99 -18.71
C ALA A 431 1.73 9.56 -18.64
N ASP A 432 3.02 9.46 -18.35
CA ASP A 432 3.74 8.21 -18.34
C ASP A 432 3.10 7.18 -17.39
N SER A 433 2.68 7.59 -16.20
CA SER A 433 2.25 6.61 -15.21
C SER A 433 0.95 5.95 -15.70
N ILE A 434 0.10 6.70 -16.39
CA ILE A 434 -1.15 6.16 -16.86
C ILE A 434 -0.93 5.35 -18.15
N LYS A 435 0.07 5.68 -18.96
CA LYS A 435 0.42 4.83 -20.13
C LYS A 435 0.88 3.46 -19.64
N ASP A 436 1.65 3.44 -18.56
CA ASP A 436 2.17 2.22 -18.00
C ASP A 436 1.00 1.33 -17.51
N LYS A 437 0.01 1.93 -16.85
CA LYS A 437 -1.14 1.26 -16.28
C LYS A 437 -2.03 0.70 -17.40
N VAL A 438 -2.25 1.49 -18.48
CA VAL A 438 -3.01 1.04 -19.63
C VAL A 438 -2.38 -0.23 -20.24
N GLU A 439 -1.06 -0.21 -20.45
CA GLU A 439 -0.30 -1.36 -20.96
C GLU A 439 -0.48 -2.62 -20.06
N THR A 440 -0.40 -2.44 -18.75
CA THR A 440 -0.60 -3.50 -17.78
C THR A 440 -2.01 -4.11 -17.97
N TYR A 441 -3.02 -3.23 -17.98
CA TYR A 441 -4.42 -3.62 -18.16
C TYR A 441 -4.64 -4.38 -19.48
N ARG A 442 -3.97 -3.92 -20.55
CA ARG A 442 -4.16 -4.43 -21.88
C ARG A 442 -3.57 -5.84 -22.01
N ALA A 443 -2.62 -6.20 -21.14
CA ALA A 443 -2.06 -7.57 -21.10
C ALA A 443 -2.89 -8.51 -20.20
N GLY A 444 -4.01 -8.05 -19.62
CA GLY A 444 -4.85 -8.87 -18.79
C GLY A 444 -4.48 -8.82 -17.31
N LEU A 445 -3.44 -8.07 -16.93
CA LEU A 445 -3.01 -7.99 -15.51
C LEU A 445 -3.84 -6.99 -14.72
N PRO A 446 -3.94 -7.17 -13.38
CA PRO A 446 -4.58 -6.15 -12.54
C PRO A 446 -3.75 -4.86 -12.43
N VAL A 447 -4.42 -3.73 -12.20
CA VAL A 447 -3.82 -2.46 -11.95
C VAL A 447 -4.17 -2.03 -10.52
N ASN A 448 -3.15 -1.81 -9.66
CA ASN A 448 -3.41 -1.31 -8.25
C ASN A 448 -4.43 -2.20 -7.52
N LEU A 449 -4.07 -3.47 -7.39
CA LEU A 449 -4.81 -4.46 -6.61
C LEU A 449 -5.08 -3.92 -5.22
N PRO A 450 -6.32 -3.98 -4.67
CA PRO A 450 -6.57 -3.55 -3.28
C PRO A 450 -5.74 -4.42 -2.31
N VAL A 451 -5.14 -3.76 -1.32
CA VAL A 451 -4.12 -4.34 -0.41
C VAL A 451 -4.81 -5.17 0.68
N THR A 452 -6.05 -4.77 1.02
CA THR A 452 -6.75 -5.06 2.27
C THR A 452 -8.24 -5.33 2.01
N ASP A 453 -8.96 -5.77 3.06
CA ASP A 453 -10.44 -5.95 3.02
C ASP A 453 -11.10 -4.56 3.08
N GLU A 454 -12.43 -4.54 2.88
CA GLU A 454 -13.26 -3.33 2.72
C GLU A 454 -13.46 -2.58 4.04
N GLY A 455 -13.54 -3.34 5.14
CA GLY A 455 -13.59 -2.78 6.50
C GLY A 455 -12.35 -1.94 6.80
N THR A 456 -11.17 -2.52 6.60
CA THR A 456 -9.83 -1.87 6.82
C THR A 456 -9.63 -0.69 5.86
N TYR A 457 -10.10 -0.85 4.61
CA TYR A 457 -9.91 0.11 3.54
C TYR A 457 -10.67 1.41 3.85
N TYR A 458 -11.97 1.30 4.16
CA TYR A 458 -12.82 2.47 4.50
C TYR A 458 -12.70 2.84 6.00
N GLY A 459 -11.99 2.00 6.78
CA GLY A 459 -11.70 2.19 8.21
C GLY A 459 -10.45 3.01 8.52
N ASN A 460 -9.36 2.76 7.78
N ASN A 460 -9.31 2.71 7.85
CA ASN A 460 -8.05 3.39 8.01
CA ASN A 460 -8.04 3.47 8.06
C ASN A 460 -7.75 4.33 6.82
C ASN A 460 -7.75 4.34 6.82
N PHE A 461 -7.64 5.64 7.05
CA PHE A 461 -7.52 6.61 5.96
C PHE A 461 -6.23 6.36 5.17
N GLU A 462 -5.14 6.01 5.86
CA GLU A 462 -3.85 5.77 5.20
C GLU A 462 -3.96 4.64 4.17
N ALA A 463 -4.78 3.62 4.45
CA ALA A 463 -4.98 2.46 3.52
C ALA A 463 -5.67 2.91 2.23
N GLU A 464 -6.73 3.71 2.35
CA GLU A 464 -7.39 4.25 1.15
C GLU A 464 -6.48 5.25 0.41
N PHE A 465 -5.84 6.17 1.16
CA PHE A 465 -5.02 7.24 0.59
C PHE A 465 -3.87 6.69 -0.28
N ARG A 466 -3.32 5.54 0.10
CA ARG A 466 -2.18 4.88 -0.59
C ARG A 466 -2.65 3.99 -1.75
N ASN A 467 -3.95 3.81 -1.93
CA ASN A 467 -4.48 3.00 -3.00
C ASN A 467 -5.85 3.56 -3.37
N PHE A 468 -5.87 4.78 -3.89
CA PHE A 468 -7.16 5.48 -3.94
C PHE A 468 -7.97 4.95 -5.14
N TRP A 469 -7.35 4.87 -6.32
CA TRP A 469 -7.99 4.32 -7.50
C TRP A 469 -7.46 2.89 -7.66
N THR A 470 -8.30 1.92 -7.31
CA THR A 470 -7.90 0.50 -7.36
C THR A 470 -8.32 -0.12 -8.71
N ASN A 471 -7.88 -1.37 -8.92
CA ASN A 471 -8.22 -2.24 -10.06
C ASN A 471 -9.70 -2.12 -10.49
N GLY A 472 -10.62 -2.22 -9.54
CA GLY A 472 -12.05 -2.12 -9.78
C GLY A 472 -12.44 -0.81 -10.49
N SER A 473 -11.77 0.28 -10.09
CA SER A 473 -12.03 1.61 -10.65
C SER A 473 -11.50 1.70 -12.08
N TYR A 474 -10.33 1.11 -12.35
CA TYR A 474 -9.78 1.17 -13.68
C TYR A 474 -10.68 0.33 -14.60
N TYR A 475 -11.17 -0.82 -14.13
CA TYR A 475 -12.07 -1.66 -14.94
C TYR A 475 -13.36 -0.88 -15.22
N CYS A 476 -13.89 -0.19 -14.23
CA CYS A 476 -15.16 0.53 -14.42
C CYS A 476 -15.06 1.52 -15.58
N ILE A 477 -13.92 2.23 -15.66
CA ILE A 477 -13.76 3.33 -16.63
C ILE A 477 -13.31 2.76 -18.00
N PHE A 478 -12.24 1.97 -18.01
CA PHE A 478 -11.76 1.39 -19.26
C PHE A 478 -12.83 0.48 -19.90
N ALA A 479 -13.41 -0.45 -19.12
CA ALA A 479 -14.39 -1.37 -19.71
C ALA A 479 -15.66 -0.62 -20.10
N GLY A 480 -16.06 0.31 -19.25
CA GLY A 480 -17.21 1.15 -19.50
C GLY A 480 -17.15 1.85 -20.84
N LEU A 481 -15.96 2.39 -21.15
CA LEU A 481 -15.76 3.17 -22.35
C LEU A 481 -15.52 2.26 -23.57
N GLY A 482 -15.28 0.97 -23.33
CA GLY A 482 -15.14 -0.02 -24.39
C GLY A 482 -13.70 -0.45 -24.63
N LEU A 483 -12.76 0.00 -23.80
CA LEU A 483 -11.41 -0.50 -23.93
C LEU A 483 -11.28 -1.81 -23.11
N MET A 484 -10.91 -2.91 -23.79
CA MET A 484 -10.81 -4.21 -23.19
C MET A 484 -9.34 -4.61 -23.15
N PRO A 485 -8.98 -5.59 -22.30
CA PRO A 485 -7.69 -6.28 -22.45
C PRO A 485 -7.61 -6.94 -23.83
N ARG A 486 -6.40 -7.01 -24.37
CA ARG A 486 -6.08 -7.69 -25.61
C ARG A 486 -6.46 -9.16 -25.49
N ASN A 487 -6.28 -9.74 -24.30
CA ASN A 487 -6.60 -11.13 -24.07
C ASN A 487 -6.89 -11.33 -22.59
N PRO A 488 -7.50 -12.44 -22.20
CA PRO A 488 -7.65 -12.76 -20.77
C PRO A 488 -6.27 -12.97 -20.11
N LEU A 489 -6.24 -12.83 -18.79
CA LEU A 489 -5.10 -13.19 -17.97
C LEU A 489 -4.71 -14.63 -18.29
N PRO A 490 -3.53 -14.90 -18.89
CA PRO A 490 -3.18 -16.25 -19.31
C PRO A 490 -3.24 -17.32 -18.20
N ALA A 491 -2.98 -16.96 -16.94
CA ALA A 491 -3.05 -17.92 -15.81
C ALA A 491 -4.42 -18.59 -15.73
N LEU A 492 -5.48 -17.91 -16.21
CA LEU A 492 -6.84 -18.45 -16.09
C LEU A 492 -7.02 -19.70 -16.96
N ALA A 493 -6.22 -19.84 -18.03
CA ALA A 493 -6.30 -21.01 -18.90
C ALA A 493 -5.85 -22.29 -18.18
N TYR A 494 -5.19 -22.16 -17.02
CA TYR A 494 -4.69 -23.33 -16.32
C TYR A 494 -5.51 -23.62 -15.05
N LYS A 495 -6.65 -22.94 -14.87
CA LYS A 495 -7.30 -22.90 -13.55
C LYS A 495 -8.80 -23.18 -13.63
N PRO A 496 -9.21 -24.38 -14.10
CA PRO A 496 -10.64 -24.72 -14.17
C PRO A 496 -11.38 -24.69 -12.82
N GLN A 497 -10.71 -25.07 -11.72
CA GLN A 497 -11.36 -25.00 -10.41
C GLN A 497 -11.62 -23.54 -10.01
N SER A 498 -10.71 -22.64 -10.38
CA SER A 498 -10.87 -21.22 -10.02
C SER A 498 -11.99 -20.57 -10.85
N ILE A 499 -12.04 -20.92 -12.15
CA ILE A 499 -13.17 -20.50 -13.01
C ILE A 499 -14.50 -20.83 -12.28
N ALA A 500 -14.66 -22.07 -11.81
CA ALA A 500 -15.93 -22.56 -11.19
C ALA A 500 -16.21 -21.81 -9.89
N GLU A 501 -15.16 -21.50 -9.14
CA GLU A 501 -15.35 -20.77 -7.89
C GLU A 501 -15.89 -19.36 -8.22
N ALA A 502 -15.38 -18.75 -9.30
CA ALA A 502 -15.82 -17.39 -9.70
C ALA A 502 -17.30 -17.43 -10.11
N GLU A 503 -17.72 -18.50 -10.77
CA GLU A 503 -19.16 -18.73 -11.11
C GLU A 503 -20.03 -18.61 -9.85
N LEU A 504 -19.57 -19.15 -8.72
CA LEU A 504 -20.35 -18.99 -7.48
C LEU A 504 -20.42 -17.51 -7.09
N LEU A 505 -19.31 -16.76 -7.22
CA LEU A 505 -19.27 -15.31 -6.85
C LEU A 505 -20.25 -14.51 -7.75
N PHE A 506 -20.31 -14.86 -9.05
CA PHE A 506 -21.21 -14.18 -10.00
C PHE A 506 -22.67 -14.44 -9.58
N ALA A 507 -22.94 -15.67 -9.14
CA ALA A 507 -24.27 -16.09 -8.71
C ALA A 507 -24.65 -15.39 -7.42
N ASP A 508 -23.68 -15.21 -6.52
CA ASP A 508 -23.89 -14.41 -5.27
C ASP A 508 -24.28 -12.96 -5.59
N VAL A 509 -23.60 -12.35 -6.57
CA VAL A 509 -23.91 -10.95 -6.94
C VAL A 509 -25.33 -10.84 -7.47
N LYS A 510 -25.73 -11.80 -8.31
CA LYS A 510 -27.11 -11.85 -8.88
C LYS A 510 -28.13 -12.05 -7.75
N ARG A 511 -27.88 -12.98 -6.83
CA ARG A 511 -28.83 -13.28 -5.75
C ARG A 511 -28.99 -12.06 -4.83
N LYS A 512 -27.86 -11.45 -4.43
CA LYS A 512 -27.89 -10.29 -3.55
C LYS A 512 -28.71 -9.16 -4.22
N GLY A 513 -28.45 -8.91 -5.51
CA GLY A 513 -29.16 -7.90 -6.26
C GLY A 513 -30.66 -8.19 -6.31
N ASP A 514 -31.04 -9.44 -6.63
CA ASP A 514 -32.47 -9.78 -6.78
C ASP A 514 -33.18 -9.67 -5.42
N THR A 515 -32.56 -10.21 -4.36
CA THR A 515 -33.12 -10.15 -3.00
C THR A 515 -33.29 -8.68 -2.55
N LEU A 516 -32.26 -7.84 -2.71
CA LEU A 516 -32.28 -6.49 -2.15
C LEU A 516 -33.23 -5.59 -2.95
N VAL A 517 -33.33 -5.81 -4.25
CA VAL A 517 -34.24 -5.04 -5.09
C VAL A 517 -35.69 -5.32 -4.68
N GLU A 518 -35.98 -6.52 -4.19
CA GLU A 518 -37.34 -6.86 -3.72
C GLU A 518 -37.61 -6.21 -2.35
N SER A 519 -36.64 -6.19 -1.42
CA SER A 519 -36.92 -5.88 -0.01
C SER A 519 -36.55 -4.44 0.45
N LEU A 520 -35.64 -3.74 -0.26
CA LEU A 520 -35.20 -2.41 0.15
C LEU A 520 -36.30 -1.38 -0.14
N PRO A 521 -36.35 -0.27 0.64
CA PRO A 521 -37.20 0.86 0.29
C PRO A 521 -36.61 1.61 -0.90
N SER A 522 -37.45 2.41 -1.57
CA SER A 522 -36.99 3.35 -2.53
C SER A 522 -36.10 4.40 -1.83
N THR A 523 -35.23 5.06 -2.62
CA THR A 523 -34.41 6.15 -2.08
C THR A 523 -35.34 7.24 -1.55
N TYR A 524 -36.36 7.60 -2.33
CA TYR A 524 -37.37 8.56 -1.94
C TYR A 524 -37.96 8.23 -0.56
N ASP A 525 -38.35 6.98 -0.32
CA ASP A 525 -38.98 6.64 0.98
C ASP A 525 -37.96 6.71 2.13
N LEU A 526 -36.71 6.33 1.90
CA LEU A 526 -35.69 6.47 2.96
C LEU A 526 -35.41 7.96 3.25
N LEU A 527 -35.31 8.79 2.21
CA LEU A 527 -35.13 10.23 2.43
C LEU A 527 -36.30 10.82 3.24
N ARG A 528 -37.55 10.43 2.90
CA ARG A 528 -38.76 10.93 3.57
C ARG A 528 -38.73 10.58 5.06
N GLN A 529 -38.26 9.38 5.40
CA GLN A 529 -38.09 8.97 6.79
C GLN A 529 -36.97 9.76 7.48
N LEU A 530 -35.84 9.95 6.80
CA LEU A 530 -34.68 10.62 7.39
C LEU A 530 -35.01 12.09 7.68
N HIS A 531 -35.57 12.79 6.69
CA HIS A 531 -35.79 14.23 6.81
C HIS A 531 -37.12 14.53 7.51
N GLY A 532 -37.79 13.50 8.06
CA GLY A 532 -38.75 13.66 9.18
C GLY A 532 -40.07 14.26 8.72
N ASP B 5 -4.69 -24.56 -28.69
CA ASP B 5 -4.00 -24.71 -27.37
C ASP B 5 -2.59 -24.13 -27.49
N ASN B 6 -2.45 -22.86 -27.05
CA ASN B 6 -1.23 -22.10 -26.99
CA ASN B 6 -1.12 -22.24 -27.05
C ASN B 6 -0.61 -22.20 -25.59
N ARG B 7 -1.20 -23.03 -24.71
CA ARG B 7 -0.76 -23.17 -23.33
C ARG B 7 0.57 -23.91 -23.18
N ILE B 8 1.29 -23.57 -22.11
CA ILE B 8 2.44 -24.36 -21.65
C ILE B 8 1.92 -25.76 -21.31
N LYS B 9 2.65 -26.81 -21.73
CA LYS B 9 2.22 -28.19 -21.48
C LYS B 9 3.13 -28.87 -20.46
N THR B 10 4.42 -28.50 -20.45
CA THR B 10 5.41 -29.07 -19.55
C THR B 10 6.32 -27.97 -18.98
N VAL B 11 6.54 -28.01 -17.67
CA VAL B 11 7.48 -27.16 -16.97
C VAL B 11 8.62 -28.05 -16.48
N VAL B 12 9.86 -27.65 -16.74
CA VAL B 12 11.03 -28.35 -16.23
C VAL B 12 11.78 -27.41 -15.27
N ILE B 13 12.00 -27.87 -14.04
CA ILE B 13 12.73 -27.19 -12.98
C ILE B 13 14.12 -27.83 -12.84
N LEU B 14 15.17 -27.05 -13.04
CA LEU B 14 16.55 -27.50 -12.83
C LEU B 14 16.97 -27.19 -11.37
N GLY B 15 17.23 -28.24 -10.60
CA GLY B 15 17.72 -28.16 -9.24
C GLY B 15 16.66 -28.53 -8.24
N GLY B 16 17.04 -29.28 -7.22
CA GLY B 16 16.21 -29.51 -6.05
C GLY B 16 16.47 -28.47 -4.95
N GLY B 17 16.79 -28.96 -3.75
CA GLY B 17 16.86 -28.07 -2.57
C GLY B 17 15.54 -27.36 -2.36
N THR B 18 15.58 -26.29 -1.55
CA THR B 18 14.36 -25.63 -1.15
C THR B 18 13.73 -24.94 -2.36
N ALA B 19 14.53 -24.35 -3.25
CA ALA B 19 13.99 -23.52 -4.33
C ALA B 19 13.19 -24.40 -5.32
N GLY B 20 13.80 -25.50 -5.75
CA GLY B 20 13.21 -26.41 -6.71
C GLY B 20 11.91 -27.05 -6.20
N TRP B 21 11.94 -27.61 -4.99
CA TRP B 21 10.81 -28.34 -4.47
C TRP B 21 9.71 -27.40 -3.95
N MET B 22 10.07 -26.18 -3.54
CA MET B 22 9.03 -25.21 -3.25
C MET B 22 8.33 -24.83 -4.57
N THR B 23 9.10 -24.61 -5.64
CA THR B 23 8.55 -24.25 -6.94
C THR B 23 7.62 -25.37 -7.43
N ALA B 24 8.07 -26.64 -7.32
CA ALA B 24 7.33 -27.76 -7.85
C ALA B 24 6.01 -27.94 -7.10
N ALA B 25 6.06 -27.92 -5.76
CA ALA B 25 4.89 -28.09 -4.95
C ALA B 25 3.89 -26.95 -5.21
N TYR B 26 4.38 -25.73 -5.32
CA TYR B 26 3.46 -24.57 -5.45
C TYR B 26 2.80 -24.59 -6.84
N LEU B 27 3.58 -24.82 -7.90
CA LEU B 27 3.02 -24.87 -9.26
C LEU B 27 2.05 -26.07 -9.42
N GLY B 28 2.34 -27.17 -8.73
CA GLY B 28 1.48 -28.30 -8.67
C GLY B 28 0.07 -27.97 -8.22
N LYS B 29 -0.06 -27.13 -7.19
CA LYS B 29 -1.37 -26.65 -6.72
C LYS B 29 -1.95 -25.60 -7.70
N ALA B 30 -1.11 -24.65 -8.13
CA ALA B 30 -1.58 -23.49 -8.91
C ALA B 30 -2.11 -23.92 -10.28
N LEU B 31 -1.50 -24.95 -10.89
CA LEU B 31 -1.80 -25.28 -12.29
C LEU B 31 -2.81 -26.43 -12.41
N GLN B 32 -3.34 -26.93 -11.27
CA GLN B 32 -4.63 -27.68 -11.22
C GLN B 32 -4.67 -28.77 -12.30
N ASN B 33 -3.57 -29.51 -12.43
CA ASN B 33 -3.52 -30.76 -13.18
C ASN B 33 -3.47 -30.48 -14.70
N THR B 34 -3.12 -29.26 -15.12
CA THR B 34 -3.16 -28.96 -16.54
C THR B 34 -1.76 -29.04 -17.14
N VAL B 35 -0.72 -29.11 -16.30
CA VAL B 35 0.67 -28.99 -16.78
C VAL B 35 1.53 -30.09 -16.15
N LYS B 36 2.36 -30.75 -16.97
CA LYS B 36 3.34 -31.69 -16.49
C LYS B 36 4.48 -30.91 -15.82
N ILE B 37 4.93 -31.35 -14.64
CA ILE B 37 6.04 -30.76 -13.94
C ILE B 37 7.11 -31.83 -13.69
N VAL B 38 8.34 -31.51 -14.07
CA VAL B 38 9.50 -32.34 -13.89
C VAL B 38 10.58 -31.56 -13.11
N VAL B 39 11.17 -32.19 -12.10
CA VAL B 39 12.34 -31.67 -11.41
C VAL B 39 13.57 -32.52 -11.76
N LEU B 40 14.61 -31.88 -12.31
CA LEU B 40 15.92 -32.51 -12.51
C LEU B 40 16.86 -32.09 -11.35
N GLU B 41 17.23 -33.06 -10.52
CA GLU B 41 18.04 -32.86 -9.30
C GLU B 41 19.15 -33.91 -9.25
N ALA B 42 20.39 -33.45 -9.28
CA ALA B 42 21.57 -34.31 -9.07
C ALA B 42 21.45 -35.04 -7.72
N PRO B 43 21.96 -36.29 -7.58
CA PRO B 43 22.05 -36.92 -6.26
C PRO B 43 23.06 -36.13 -5.41
N THR B 44 22.74 -35.88 -4.12
CA THR B 44 23.69 -35.20 -3.23
C THR B 44 23.80 -35.96 -1.90
N ILE B 45 25.05 -36.07 -1.41
CA ILE B 45 25.37 -36.43 -0.02
C ILE B 45 25.03 -35.22 0.85
N PRO B 46 24.05 -35.31 1.79
CA PRO B 46 23.67 -34.15 2.59
C PRO B 46 24.84 -33.48 3.32
N ARG B 47 24.86 -32.14 3.28
CA ARG B 47 25.70 -31.27 4.11
C ARG B 47 25.22 -31.35 5.58
N ILE B 48 26.09 -31.01 6.53
CA ILE B 48 25.65 -30.70 7.90
C ILE B 48 24.58 -29.61 7.79
N GLY B 49 23.46 -29.75 8.56
CA GLY B 49 22.29 -28.84 8.51
C GLY B 49 22.47 -27.58 9.36
N VAL B 50 22.86 -26.47 8.73
CA VAL B 50 23.39 -25.26 9.43
C VAL B 50 22.26 -24.29 9.84
N GLY B 51 20.99 -24.66 9.56
CA GLY B 51 19.80 -23.95 10.03
C GLY B 51 19.42 -22.76 9.14
N GLU B 52 18.12 -22.49 9.08
CA GLU B 52 17.54 -21.43 8.27
C GLU B 52 16.42 -20.74 9.08
N ALA B 53 16.36 -19.42 8.99
CA ALA B 53 15.33 -18.61 9.65
C ALA B 53 14.43 -17.99 8.59
N THR B 54 13.22 -17.60 9.02
CA THR B 54 12.17 -17.10 8.14
C THR B 54 11.49 -15.87 8.74
N VAL B 55 10.53 -15.34 7.98
CA VAL B 55 9.60 -14.29 8.43
C VAL B 55 8.19 -14.86 8.56
N PRO B 56 7.29 -14.17 9.29
CA PRO B 56 6.00 -14.77 9.69
C PRO B 56 4.97 -15.14 8.59
N ASN B 57 5.08 -14.57 7.39
CA ASN B 57 4.12 -14.84 6.30
C ASN B 57 4.34 -16.20 5.64
N LEU B 58 5.39 -16.94 6.01
CA LEU B 58 5.67 -18.23 5.38
C LEU B 58 4.43 -19.15 5.42
N GLN B 59 3.75 -19.25 6.57
CA GLN B 59 2.62 -20.19 6.71
C GLN B 59 1.45 -19.77 5.80
N ARG B 60 1.11 -18.48 5.78
CA ARG B 60 -0.04 -17.97 5.04
C ARG B 60 0.24 -18.01 3.54
N ALA B 61 1.44 -17.58 3.14
CA ALA B 61 1.73 -17.33 1.76
C ALA B 61 2.14 -18.62 1.02
N PHE B 62 2.49 -19.70 1.75
CA PHE B 62 3.08 -20.92 1.13
C PHE B 62 2.38 -22.20 1.62
N PHE B 63 2.54 -22.57 2.89
CA PHE B 63 2.03 -23.86 3.38
C PHE B 63 0.50 -23.93 3.39
N ASP B 64 -0.17 -22.79 3.68
CA ASP B 64 -1.64 -22.72 3.65
C ASP B 64 -2.13 -22.88 2.21
N TYR B 65 -1.41 -22.30 1.24
CA TYR B 65 -1.76 -22.48 -0.17
C TYR B 65 -1.80 -23.97 -0.53
N LEU B 66 -0.85 -24.74 0.01
CA LEU B 66 -0.67 -26.17 -0.25
C LEU B 66 -1.63 -27.01 0.58
N GLY B 67 -2.30 -26.42 1.59
CA GLY B 67 -3.13 -27.19 2.52
C GLY B 67 -2.30 -27.94 3.54
N ILE B 68 -1.09 -27.47 3.86
CA ILE B 68 -0.27 -28.19 4.84
C ILE B 68 -0.33 -27.50 6.20
N PRO B 69 -0.88 -28.16 7.26
CA PRO B 69 -0.93 -27.54 8.59
C PRO B 69 0.46 -27.30 9.21
N GLU B 70 0.58 -26.21 9.99
CA GLU B 70 1.83 -25.76 10.61
C GLU B 70 2.52 -26.94 11.32
N GLU B 71 1.76 -27.69 12.11
CA GLU B 71 2.29 -28.78 12.96
C GLU B 71 2.91 -29.90 12.10
N GLU B 72 2.28 -30.13 10.94
CA GLU B 72 2.64 -31.27 10.09
C GLU B 72 4.07 -31.08 9.57
N TRP B 73 4.36 -29.90 9.02
CA TRP B 73 5.68 -29.65 8.39
C TRP B 73 6.76 -29.38 9.45
N MET B 74 6.38 -28.73 10.56
CA MET B 74 7.37 -28.42 11.62
C MET B 74 7.92 -29.74 12.20
N ARG B 75 7.05 -30.75 12.29
CA ARG B 75 7.42 -32.05 12.92
C ARG B 75 8.43 -32.80 12.05
N GLU B 76 8.52 -32.48 10.74
CA GLU B 76 9.38 -33.19 9.79
C GLU B 76 10.74 -32.51 9.61
N CYS B 77 10.94 -31.31 10.16
CA CYS B 77 12.21 -30.60 9.90
C CYS B 77 12.83 -29.98 11.15
N ASN B 78 12.49 -30.55 12.32
N ASN B 78 12.48 -30.52 12.34
CA ASN B 78 13.01 -30.15 13.63
CA ASN B 78 13.08 -30.13 13.64
C ASN B 78 12.87 -28.64 13.81
C ASN B 78 12.86 -28.63 13.89
N ALA B 79 11.70 -28.12 13.46
CA ALA B 79 11.46 -26.71 13.45
C ALA B 79 11.31 -26.18 14.89
N SER B 80 11.61 -24.89 15.03
CA SER B 80 11.47 -24.17 16.27
C SER B 80 10.92 -22.77 15.95
N TYR B 81 10.71 -21.96 17.01
CA TYR B 81 9.98 -20.68 16.97
C TYR B 81 10.97 -19.50 17.01
N LYS B 82 10.66 -18.47 16.22
CA LYS B 82 11.47 -17.25 16.10
C LYS B 82 10.56 -16.01 16.33
N MET B 83 10.84 -15.23 17.37
CA MET B 83 10.05 -14.04 17.65
C MET B 83 10.82 -12.79 17.19
N ALA B 84 12.09 -12.94 16.81
CA ALA B 84 12.91 -11.78 16.50
C ALA B 84 14.27 -12.18 15.97
N VAL B 85 14.96 -11.17 15.43
CA VAL B 85 16.39 -11.17 15.37
C VAL B 85 16.88 -10.31 16.55
N LYS B 86 17.81 -10.88 17.33
CA LYS B 86 18.49 -10.23 18.43
C LYS B 86 19.95 -9.89 18.06
N PHE B 87 20.29 -8.61 18.10
CA PHE B 87 21.60 -8.11 17.69
C PHE B 87 22.47 -7.92 18.92
N ILE B 88 23.65 -8.55 18.91
CA ILE B 88 24.59 -8.61 20.04
C ILE B 88 25.94 -8.02 19.60
N ASN B 89 26.37 -6.96 20.28
CA ASN B 89 27.70 -6.36 20.20
C ASN B 89 27.86 -5.55 18.92
N TRP B 90 26.75 -5.03 18.37
CA TRP B 90 26.84 -4.24 17.13
C TRP B 90 27.27 -2.79 17.38
N ARG B 91 27.35 -2.38 18.66
CA ARG B 91 27.70 -0.99 18.96
CA ARG B 91 27.65 -0.98 19.06
C ARG B 91 29.05 -0.84 19.68
N THR B 92 29.67 -1.96 20.08
CA THR B 92 30.84 -1.97 20.93
C THR B 92 32.02 -2.70 20.28
N PRO B 93 33.26 -2.20 20.46
CA PRO B 93 34.45 -2.79 19.83
C PRO B 93 34.92 -4.10 20.47
N GLY B 94 35.68 -4.88 19.70
CA GLY B 94 36.35 -6.05 20.21
C GLY B 94 36.10 -7.30 19.37
N GLU B 95 36.71 -8.40 19.83
CA GLU B 95 36.62 -9.71 19.27
C GLU B 95 35.19 -10.22 19.34
N GLY B 96 34.91 -11.27 18.57
CA GLY B 96 33.63 -11.95 18.64
C GLY B 96 33.45 -12.65 19.97
N SER B 97 32.33 -12.37 20.64
CA SER B 97 31.90 -13.10 21.81
C SER B 97 30.38 -13.28 21.76
N PRO B 98 29.84 -14.43 22.22
CA PRO B 98 28.40 -14.61 22.31
C PRO B 98 27.77 -13.81 23.46
N ASP B 99 28.62 -13.25 24.33
CA ASP B 99 28.17 -12.56 25.52
C ASP B 99 28.24 -11.07 25.28
N PRO B 100 27.14 -10.36 25.57
CA PRO B 100 27.10 -8.94 25.25
C PRO B 100 28.03 -8.13 26.18
N ARG B 101 28.79 -7.21 25.57
CA ARG B 101 29.55 -6.24 26.25
C ARG B 101 28.60 -5.21 26.87
N THR B 102 29.18 -4.19 27.51
CA THR B 102 28.47 -3.13 28.20
C THR B 102 28.68 -1.83 27.43
N LEU B 103 27.60 -1.09 27.19
CA LEU B 103 27.66 0.22 26.53
C LEU B 103 28.21 1.24 27.52
N ASP B 104 28.57 2.40 26.98
CA ASP B 104 29.03 3.58 27.71
C ASP B 104 28.07 3.87 28.88
N ASP B 105 26.76 3.68 28.63
CA ASP B 105 25.72 4.16 29.53
C ASP B 105 25.38 3.09 30.58
N GLY B 106 26.09 1.95 30.58
CA GLY B 106 25.86 0.90 31.59
C GLY B 106 24.93 -0.22 31.07
N HIS B 107 24.13 0.04 30.04
CA HIS B 107 23.21 -1.01 29.49
C HIS B 107 24.03 -2.08 28.73
N THR B 108 23.47 -3.29 28.66
CA THR B 108 23.95 -4.39 27.79
C THR B 108 23.86 -4.02 26.30
N ASP B 109 24.86 -4.42 25.49
CA ASP B 109 24.82 -4.15 24.01
C ASP B 109 23.97 -5.22 23.31
N THR B 110 22.66 -5.14 23.49
CA THR B 110 21.71 -6.01 22.78
C THR B 110 20.49 -5.19 22.40
N PHE B 111 19.94 -5.48 21.21
CA PHE B 111 18.65 -4.95 20.79
C PHE B 111 17.93 -5.98 19.94
N HIS B 112 16.60 -5.95 20.01
CA HIS B 112 15.72 -6.88 19.31
C HIS B 112 14.99 -6.16 18.17
N HIS B 113 14.74 -6.95 17.12
CA HIS B 113 13.86 -6.70 16.02
C HIS B 113 12.73 -7.72 16.04
N PRO B 114 11.67 -7.52 16.84
CA PRO B 114 10.55 -8.46 16.89
C PRO B 114 9.54 -8.26 15.74
N PHE B 115 8.63 -9.22 15.59
CA PHE B 115 7.60 -9.16 14.61
C PHE B 115 6.29 -8.59 15.15
N GLY B 116 6.13 -8.42 16.47
CA GLY B 116 4.87 -7.75 16.97
C GLY B 116 4.57 -6.45 16.23
N LEU B 117 3.29 -6.11 16.01
CA LEU B 117 2.91 -4.77 15.45
C LEU B 117 2.68 -3.81 16.63
N LEU B 118 3.09 -2.55 16.41
CA LEU B 118 3.08 -1.52 17.43
C LEU B 118 1.67 -1.04 17.56
N PRO B 119 1.14 -0.82 18.77
CA PRO B 119 -0.15 -0.13 18.90
C PRO B 119 0.01 1.37 18.58
N SER B 120 -1.12 2.04 18.42
CA SER B 120 -1.24 3.44 18.02
C SER B 120 -2.08 4.19 19.06
N ALA B 121 -1.83 5.49 19.23
CA ALA B 121 -2.78 6.38 19.89
C ALA B 121 -2.93 7.61 19.02
N ASP B 122 -4.20 7.96 18.74
CA ASP B 122 -4.53 9.10 17.90
C ASP B 122 -3.81 8.94 16.55
N GLN B 123 -3.74 7.71 16.05
CA GLN B 123 -3.22 7.42 14.69
C GLN B 123 -1.70 7.60 14.66
N ILE B 124 -1.04 7.69 15.82
CA ILE B 124 0.43 7.79 15.90
C ILE B 124 0.99 6.54 16.57
N PRO B 125 1.94 5.83 15.95
CA PRO B 125 2.49 4.61 16.53
C PRO B 125 3.26 4.85 17.84
N LEU B 126 3.32 3.83 18.69
CA LEU B 126 3.85 3.95 20.02
C LEU B 126 5.34 4.36 19.97
N SER B 127 6.02 3.98 18.88
CA SER B 127 7.41 4.34 18.63
C SER B 127 7.64 5.83 18.89
N HIS B 128 6.70 6.69 18.47
CA HIS B 128 6.90 8.13 18.45
C HIS B 128 6.70 8.72 19.87
N TYR B 129 5.82 8.10 20.65
CA TYR B 129 5.64 8.52 22.05
C TYR B 129 6.86 8.12 22.87
N TRP B 130 7.42 6.94 22.58
CA TRP B 130 8.67 6.54 23.22
C TRP B 130 9.81 7.52 22.88
N ALA B 131 9.91 7.90 21.60
CA ALA B 131 11.03 8.75 21.14
C ALA B 131 10.94 10.15 21.80
N ALA B 132 9.70 10.70 21.89
CA ALA B 132 9.47 11.96 22.56
C ALA B 132 10.02 11.91 23.99
N LYS B 133 9.68 10.87 24.74
CA LYS B 133 10.11 10.78 26.15
C LYS B 133 11.63 10.60 26.26
N ARG B 134 12.21 9.77 25.39
CA ARG B 134 13.63 9.47 25.43
C ARG B 134 14.42 10.74 25.10
N LEU B 135 13.96 11.50 24.09
CA LEU B 135 14.70 12.69 23.66
C LEU B 135 14.63 13.81 24.73
N GLN B 136 13.61 13.76 25.57
CA GLN B 136 13.34 14.83 26.55
C GLN B 136 13.82 14.38 27.94
N GLY B 137 14.44 13.21 28.06
CA GLY B 137 14.94 12.73 29.32
C GLY B 137 13.88 12.15 30.25
N GLU B 138 12.67 11.85 29.75
CA GLU B 138 11.60 11.40 30.63
C GLU B 138 11.51 9.87 30.69
N THR B 139 12.36 9.13 29.94
CA THR B 139 12.38 7.67 30.14
C THR B 139 13.81 7.18 29.98
N ASP B 140 14.16 6.11 30.72
CA ASP B 140 15.43 5.39 30.59
C ASP B 140 15.24 4.02 29.90
N GLU B 141 14.00 3.68 29.54
CA GLU B 141 13.74 2.46 28.81
C GLU B 141 14.23 2.57 27.36
N ASN B 142 14.71 1.44 26.84
CA ASN B 142 15.03 1.25 25.45
C ASN B 142 13.74 1.02 24.66
N PHE B 143 13.82 1.25 23.35
CA PHE B 143 12.70 1.13 22.44
C PHE B 143 12.05 -0.27 22.54
N ASP B 144 12.86 -1.32 22.39
CA ASP B 144 12.35 -2.67 22.25
C ASP B 144 11.60 -3.12 23.52
N GLU B 145 12.10 -2.72 24.69
CA GLU B 145 11.51 -3.18 25.96
C GLU B 145 10.26 -2.35 26.32
N ALA B 146 10.23 -1.06 25.93
CA ALA B 146 9.09 -0.18 26.18
C ALA B 146 7.88 -0.57 25.30
N CYS B 147 8.14 -0.98 24.05
CA CYS B 147 7.14 -0.95 23.03
C CYS B 147 6.61 -2.36 22.65
N PHE B 148 7.31 -3.44 23.00
CA PHE B 148 6.87 -4.80 22.62
C PHE B 148 6.89 -5.72 23.83
N ALA B 149 5.77 -6.40 24.09
CA ALA B 149 5.70 -7.37 25.17
C ALA B 149 6.57 -8.58 24.84
N ASP B 150 6.81 -8.78 23.54
CA ASP B 150 7.64 -9.86 23.03
C ASP B 150 9.02 -9.84 23.69
N THR B 151 9.56 -8.65 23.95
CA THR B 151 10.92 -8.52 24.50
C THR B 151 11.00 -9.27 25.83
N ALA B 152 9.99 -9.10 26.68
CA ALA B 152 10.02 -9.74 28.01
C ALA B 152 9.87 -11.26 27.85
N ILE B 153 8.98 -11.70 26.95
CA ILE B 153 8.79 -13.12 26.65
C ILE B 153 10.11 -13.77 26.19
N MET B 154 10.84 -13.08 25.31
CA MET B 154 12.11 -13.58 24.78
C MET B 154 13.20 -13.67 25.86
N ASN B 155 13.30 -12.64 26.72
CA ASN B 155 14.24 -12.60 27.88
C ASN B 155 14.00 -13.78 28.85
N ALA B 156 12.75 -14.23 29.01
CA ALA B 156 12.41 -15.43 29.81
C ALA B 156 12.39 -16.73 28.99
N LYS B 157 12.68 -16.67 27.68
CA LYS B 157 12.73 -17.81 26.74
C LYS B 157 11.41 -18.58 26.69
N LYS B 158 10.30 -17.86 26.84
CA LYS B 158 8.96 -18.44 26.73
C LYS B 158 8.55 -18.57 25.27
N ALA B 159 7.61 -19.48 25.02
CA ALA B 159 7.09 -19.77 23.70
C ALA B 159 6.09 -18.72 23.28
N PRO B 160 5.84 -18.56 21.96
CA PRO B 160 4.78 -17.68 21.47
C PRO B 160 3.37 -18.30 21.38
N ARG B 161 3.22 -19.53 21.88
CA ARG B 161 1.91 -20.22 22.03
C ARG B 161 1.81 -20.90 23.40
N PHE B 162 0.58 -20.98 23.93
CA PHE B 162 0.29 -21.80 25.14
C PHE B 162 0.30 -23.30 24.74
N LEU B 163 0.28 -24.20 25.73
CA LEU B 163 0.32 -25.66 25.49
C LEU B 163 -0.94 -26.13 24.72
N ASP B 164 -2.06 -25.42 24.89
CA ASP B 164 -3.31 -25.68 24.16
C ASP B 164 -3.28 -25.07 22.75
N MET B 165 -2.18 -24.40 22.38
CA MET B 165 -1.91 -23.85 21.03
C MET B 165 -2.67 -22.53 20.75
N ARG B 166 -3.33 -21.95 21.75
CA ARG B 166 -3.71 -20.53 21.69
C ARG B 166 -2.45 -19.68 21.47
N ARG B 167 -2.56 -18.73 20.54
CA ARG B 167 -1.47 -17.83 20.16
C ARG B 167 -1.32 -16.72 21.21
N ALA B 168 -0.08 -16.37 21.54
CA ALA B 168 0.19 -15.21 22.39
C ALA B 168 0.79 -14.05 21.56
N THR B 169 1.58 -14.34 20.52
CA THR B 169 2.25 -13.33 19.72
C THR B 169 2.42 -13.81 18.26
N ASN B 170 2.87 -12.88 17.42
CA ASN B 170 3.33 -13.13 16.10
C ASN B 170 4.71 -13.80 16.18
N TYR B 171 5.03 -14.63 15.18
CA TYR B 171 6.31 -15.37 15.17
C TYR B 171 6.54 -16.01 13.80
N ALA B 172 7.80 -16.42 13.58
CA ALA B 172 8.25 -17.15 12.40
C ALA B 172 8.99 -18.41 12.85
N TRP B 173 9.79 -19.02 11.96
CA TRP B 173 10.31 -20.38 12.15
C TRP B 173 11.81 -20.43 11.92
N HIS B 174 12.43 -21.35 12.67
CA HIS B 174 13.75 -21.89 12.41
C HIS B 174 13.59 -23.34 11.98
N PHE B 175 14.40 -23.80 11.02
CA PHE B 175 14.30 -25.21 10.59
C PHE B 175 15.53 -25.66 9.81
N ASP B 176 15.57 -26.99 9.60
CA ASP B 176 16.56 -27.66 8.75
C ASP B 176 16.06 -27.61 7.30
N ALA B 177 16.73 -26.85 6.44
CA ALA B 177 16.33 -26.58 5.08
C ALA B 177 16.31 -27.86 4.24
N SER B 178 17.28 -28.75 4.47
CA SER B 178 17.42 -29.96 3.66
C SER B 178 16.27 -30.94 3.99
N LYS B 179 15.79 -30.94 5.24
CA LYS B 179 14.61 -31.72 5.61
C LYS B 179 13.29 -31.14 5.08
N VAL B 180 13.15 -29.80 5.07
CA VAL B 180 11.99 -29.16 4.48
C VAL B 180 11.94 -29.52 2.99
N ALA B 181 13.10 -29.48 2.33
CA ALA B 181 13.17 -29.79 0.92
C ALA B 181 12.75 -31.25 0.69
N ALA B 182 13.20 -32.17 1.55
CA ALA B 182 12.85 -33.61 1.43
C ALA B 182 11.35 -33.81 1.69
N PHE B 183 10.81 -33.06 2.66
CA PHE B 183 9.40 -33.16 2.96
C PHE B 183 8.60 -32.67 1.75
N LEU B 184 9.04 -31.58 1.13
CA LEU B 184 8.33 -31.02 -0.02
C LEU B 184 8.47 -31.93 -1.25
N ARG B 185 9.62 -32.59 -1.43
CA ARG B 185 9.82 -33.54 -2.54
C ARG B 185 8.78 -34.66 -2.42
N ASN B 186 8.67 -35.22 -1.22
CA ASN B 186 7.75 -36.31 -0.96
C ASN B 186 6.30 -35.90 -1.25
N PHE B 187 5.94 -34.71 -0.76
CA PHE B 187 4.64 -34.15 -0.99
C PHE B 187 4.38 -34.03 -2.49
N ALA B 188 5.32 -33.42 -3.24
CA ALA B 188 5.08 -33.11 -4.64
C ALA B 188 4.99 -34.40 -5.48
N VAL B 189 5.85 -35.39 -5.21
CA VAL B 189 5.88 -36.62 -6.00
C VAL B 189 4.63 -37.48 -5.74
N THR B 190 4.24 -37.66 -4.46
CA THR B 190 3.17 -38.60 -4.05
C THR B 190 1.77 -37.97 -4.08
N LYS B 191 1.66 -36.63 -3.93
CA LYS B 191 0.35 -36.00 -3.84
C LYS B 191 0.03 -35.11 -5.04
N GLN B 192 1.03 -34.73 -5.83
N GLN B 192 1.05 -34.68 -5.79
CA GLN B 192 0.78 -33.85 -6.97
CA GLN B 192 0.82 -33.77 -6.92
C GLN B 192 1.26 -34.43 -8.30
C GLN B 192 1.43 -34.34 -8.23
N ALA B 193 1.84 -35.63 -8.27
CA ALA B 193 2.30 -36.29 -9.51
C ALA B 193 3.39 -35.47 -10.23
N VAL B 194 4.30 -34.88 -9.46
CA VAL B 194 5.53 -34.30 -10.05
C VAL B 194 6.50 -35.45 -10.32
N GLU B 195 7.17 -35.42 -11.48
CA GLU B 195 8.21 -36.38 -11.81
C GLU B 195 9.57 -35.85 -11.33
N HIS B 196 10.25 -36.69 -10.54
CA HIS B 196 11.59 -36.48 -10.04
C HIS B 196 12.58 -37.25 -10.92
N VAL B 197 13.48 -36.54 -11.61
CA VAL B 197 14.51 -37.20 -12.34
C VAL B 197 15.83 -37.00 -11.58
N GLU B 198 16.44 -38.10 -11.10
CA GLU B 198 17.74 -38.05 -10.41
C GLU B 198 18.88 -38.24 -11.40
N ASP B 199 19.47 -37.13 -11.84
CA ASP B 199 20.50 -37.18 -12.82
C ASP B 199 21.11 -35.79 -12.85
N GLU B 200 22.23 -35.64 -13.56
CA GLU B 200 22.84 -34.36 -13.81
C GLU B 200 22.55 -33.94 -15.25
N MET B 201 22.50 -32.63 -15.44
CA MET B 201 22.38 -31.97 -16.72
C MET B 201 23.77 -31.84 -17.37
N THR B 202 23.87 -32.10 -18.68
CA THR B 202 25.12 -31.88 -19.45
C THR B 202 24.90 -30.84 -20.55
N GLU B 203 23.69 -30.67 -21.08
CA GLU B 203 23.47 -29.71 -22.17
C GLU B 203 22.10 -29.05 -22.06
N VAL B 204 22.06 -27.80 -22.51
CA VAL B 204 20.85 -27.04 -22.72
C VAL B 204 20.65 -26.87 -24.23
N LEU B 205 19.51 -27.35 -24.74
CA LEU B 205 19.14 -27.24 -26.15
C LEU B 205 18.23 -26.03 -26.34
N THR B 206 18.52 -25.26 -27.40
CA THR B 206 17.86 -23.99 -27.74
C THR B 206 17.41 -24.02 -29.22
N ASP B 207 16.36 -23.26 -29.54
CA ASP B 207 15.85 -23.16 -30.90
C ASP B 207 16.51 -21.94 -31.59
N GLU B 208 16.01 -21.59 -32.78
CA GLU B 208 16.65 -20.51 -33.58
C GLU B 208 16.41 -19.13 -32.95
N ARG B 209 15.43 -19.03 -32.03
CA ARG B 209 15.10 -17.76 -31.36
C ARG B 209 15.80 -17.66 -30.00
N GLY B 210 16.58 -18.68 -29.61
CA GLY B 210 17.22 -18.66 -28.29
C GLY B 210 16.30 -19.11 -27.15
N PHE B 211 15.12 -19.68 -27.46
CA PHE B 211 14.27 -20.31 -26.43
C PHE B 211 14.85 -21.69 -26.07
N ILE B 212 14.76 -22.08 -24.80
CA ILE B 212 15.17 -23.43 -24.38
C ILE B 212 14.08 -24.40 -24.87
N THR B 213 14.52 -25.53 -25.46
CA THR B 213 13.62 -26.63 -25.91
C THR B 213 13.73 -27.85 -24.99
N ALA B 214 14.91 -28.09 -24.39
CA ALA B 214 15.07 -29.29 -23.59
C ALA B 214 16.41 -29.28 -22.86
N LEU B 215 16.50 -30.16 -21.86
CA LEU B 215 17.74 -30.42 -21.16
C LEU B 215 18.17 -31.87 -21.44
N ARG B 216 19.46 -32.06 -21.72
CA ARG B 216 20.04 -33.36 -21.85
C ARG B 216 20.79 -33.73 -20.57
N THR B 217 20.54 -34.96 -20.10
CA THR B 217 21.09 -35.45 -18.86
C THR B 217 22.28 -36.34 -19.17
N LYS B 218 23.08 -36.63 -18.14
CA LYS B 218 24.32 -37.43 -18.25
C LYS B 218 24.00 -38.85 -18.76
N SER B 219 22.90 -39.42 -18.28
CA SER B 219 22.48 -40.76 -18.71
C SER B 219 21.84 -40.72 -20.11
N GLY B 220 21.68 -39.55 -20.73
CA GLY B 220 21.20 -39.44 -22.11
C GLY B 220 19.69 -39.21 -22.24
N ARG B 221 18.99 -38.98 -21.12
CA ARG B 221 17.59 -38.50 -21.15
C ARG B 221 17.55 -37.09 -21.78
N ILE B 222 16.50 -36.84 -22.54
CA ILE B 222 16.10 -35.53 -23.05
C ILE B 222 14.83 -35.15 -22.29
N LEU B 223 14.87 -34.07 -21.51
CA LEU B 223 13.65 -33.56 -20.85
C LEU B 223 13.15 -32.36 -21.65
N GLN B 224 12.09 -32.57 -22.41
CA GLN B 224 11.49 -31.53 -23.26
C GLN B 224 10.58 -30.68 -22.38
N GLY B 225 10.46 -29.39 -22.72
CA GLY B 225 9.53 -28.56 -22.00
C GLY B 225 9.27 -27.27 -22.75
N ASP B 226 8.32 -26.49 -22.25
CA ASP B 226 7.91 -25.23 -22.84
C ASP B 226 8.41 -24.06 -21.95
N LEU B 227 8.48 -24.27 -20.64
CA LEU B 227 8.94 -23.23 -19.70
C LEU B 227 9.94 -23.89 -18.77
N PHE B 228 11.05 -23.18 -18.47
CA PHE B 228 12.12 -23.72 -17.63
C PHE B 228 12.37 -22.82 -16.42
N VAL B 229 12.49 -23.45 -15.24
CA VAL B 229 12.79 -22.74 -14.00
C VAL B 229 14.22 -23.08 -13.55
N ASP B 230 15.07 -22.05 -13.45
CA ASP B 230 16.45 -22.20 -13.00
C ASP B 230 16.52 -22.10 -11.46
N CYS B 231 16.60 -23.27 -10.80
CA CYS B 231 16.88 -23.33 -9.39
C CYS B 231 18.27 -23.97 -9.17
N SER B 232 19.24 -23.63 -10.02
CA SER B 232 20.55 -24.31 -9.98
C SER B 232 21.52 -23.64 -8.97
N GLY B 233 21.11 -22.57 -8.29
CA GLY B 233 21.97 -21.91 -7.29
C GLY B 233 22.85 -20.85 -7.92
N PHE B 234 23.92 -20.45 -7.22
CA PHE B 234 24.80 -19.35 -7.64
C PHE B 234 25.35 -19.59 -9.06
N ARG B 235 25.46 -20.85 -9.50
CA ARG B 235 26.00 -21.18 -10.86
C ARG B 235 25.10 -20.57 -11.96
N GLY B 236 23.78 -20.53 -11.74
CA GLY B 236 22.84 -19.98 -12.73
C GLY B 236 23.03 -20.63 -14.10
N LEU B 237 22.94 -21.96 -14.13
CA LEU B 237 23.27 -22.80 -15.29
C LEU B 237 22.38 -22.44 -16.49
N LEU B 238 21.14 -21.98 -16.25
CA LEU B 238 20.26 -21.58 -17.37
C LEU B 238 20.28 -20.06 -17.57
N ILE B 239 19.94 -19.29 -16.54
CA ILE B 239 19.69 -17.85 -16.72
C ILE B 239 21.01 -17.11 -17.08
N ASN B 240 22.13 -17.48 -16.46
CA ASN B 240 23.43 -16.77 -16.70
C ASN B 240 24.23 -17.45 -17.83
N LYS B 241 24.40 -18.78 -17.81
CA LYS B 241 25.26 -19.51 -18.78
C LYS B 241 24.55 -19.63 -20.13
N ALA B 242 23.43 -20.34 -20.17
CA ALA B 242 22.70 -20.64 -21.42
C ALA B 242 22.04 -19.39 -22.01
N MET B 243 21.33 -18.58 -21.21
CA MET B 243 20.62 -17.43 -21.71
C MET B 243 21.53 -16.19 -21.73
N GLU B 244 22.72 -16.27 -21.10
CA GLU B 244 23.75 -15.18 -21.12
C GLU B 244 23.25 -13.89 -20.47
N GLU B 245 22.31 -13.95 -19.52
CA GLU B 245 21.83 -12.74 -18.86
C GLU B 245 22.89 -12.33 -17.83
N PRO B 246 23.35 -11.06 -17.83
CA PRO B 246 24.34 -10.60 -16.83
C PRO B 246 23.79 -10.52 -15.39
N PHE B 247 24.64 -10.86 -14.42
CA PHE B 247 24.41 -10.65 -13.04
C PHE B 247 24.93 -9.26 -12.66
N ILE B 248 24.13 -8.48 -11.93
CA ILE B 248 24.53 -7.19 -11.41
C ILE B 248 25.06 -7.38 -9.98
N ASP B 249 26.39 -7.31 -9.85
CA ASP B 249 27.09 -7.43 -8.57
C ASP B 249 26.80 -6.21 -7.69
N MET B 250 26.41 -6.42 -6.42
CA MET B 250 26.07 -5.23 -5.58
C MET B 250 26.92 -5.18 -4.30
N SER B 251 28.21 -5.52 -4.46
CA SER B 251 29.20 -5.45 -3.40
C SER B 251 29.59 -3.99 -3.07
N ASP B 252 29.16 -3.02 -3.89
CA ASP B 252 29.21 -1.58 -3.55
C ASP B 252 28.10 -1.16 -2.57
N HIS B 253 27.20 -2.07 -2.19
CA HIS B 253 26.13 -1.77 -1.21
C HIS B 253 26.37 -2.54 0.09
N LEU B 254 26.92 -3.74 -0.03
CA LEU B 254 27.16 -4.64 1.06
C LEU B 254 28.48 -5.33 0.83
N LEU B 255 29.24 -5.59 1.90
CA LEU B 255 30.64 -5.97 1.81
C LEU B 255 30.83 -7.47 1.97
N CYS B 256 29.95 -8.10 2.76
CA CYS B 256 30.13 -9.50 3.07
C CYS B 256 29.84 -10.34 1.82
N ASN B 257 30.65 -11.38 1.64
CA ASN B 257 30.67 -12.16 0.41
C ASN B 257 31.02 -13.62 0.69
N SER B 258 31.07 -14.06 1.95
CA SER B 258 31.55 -15.40 2.33
C SER B 258 30.91 -15.82 3.63
N ALA B 259 30.87 -17.13 3.90
CA ALA B 259 30.42 -17.65 5.17
C ALA B 259 31.11 -18.98 5.48
N VAL B 260 31.21 -19.28 6.78
CA VAL B 260 31.67 -20.56 7.28
C VAL B 260 30.69 -20.99 8.38
N ALA B 261 30.15 -22.20 8.26
CA ALA B 261 29.04 -22.64 9.07
C ALA B 261 29.24 -24.07 9.58
N THR B 262 28.53 -24.39 10.67
CA THR B 262 28.42 -25.73 11.18
C THR B 262 27.15 -25.82 12.02
N ALA B 263 26.94 -26.97 12.65
CA ALA B 263 25.84 -27.16 13.59
C ALA B 263 26.45 -27.68 14.89
N VAL B 264 25.94 -27.19 16.02
CA VAL B 264 26.55 -27.40 17.31
C VAL B 264 25.53 -28.11 18.21
N PRO B 265 25.82 -29.31 18.77
CA PRO B 265 24.90 -29.96 19.69
C PRO B 265 24.70 -29.06 20.91
N HIS B 266 23.53 -29.14 21.53
CA HIS B 266 23.13 -28.19 22.55
C HIS B 266 22.31 -28.89 23.63
N ASP B 267 22.55 -28.53 24.88
CA ASP B 267 21.83 -29.07 25.99
C ASP B 267 20.59 -28.20 26.27
N ASP B 268 19.45 -28.62 25.72
CA ASP B 268 18.22 -27.84 25.79
C ASP B 268 17.67 -27.83 27.22
N GLU B 269 17.89 -28.93 27.95
CA GLU B 269 17.37 -29.11 29.32
C GLU B 269 18.09 -28.17 30.29
N LYS B 270 19.40 -27.98 30.13
CA LYS B 270 20.18 -27.15 31.01
C LYS B 270 19.89 -25.68 30.69
N ASN B 271 20.01 -25.29 29.40
CA ASN B 271 20.07 -23.88 28.98
C ASN B 271 18.71 -23.33 28.50
N GLY B 272 17.71 -24.19 28.26
CA GLY B 272 16.50 -23.81 27.51
C GLY B 272 16.77 -23.54 26.03
N VAL B 273 15.71 -23.24 25.28
CA VAL B 273 15.81 -22.91 23.86
C VAL B 273 15.39 -21.44 23.68
N GLU B 274 16.29 -20.63 23.10
CA GLU B 274 16.00 -19.25 22.76
C GLU B 274 14.99 -19.16 21.62
N PRO B 275 13.83 -18.47 21.80
CA PRO B 275 12.90 -18.28 20.70
C PRO B 275 13.25 -17.10 19.78
N TYR B 276 14.49 -17.08 19.27
CA TYR B 276 14.95 -16.02 18.39
C TYR B 276 16.26 -16.42 17.73
N THR B 277 16.55 -15.78 16.61
CA THR B 277 17.85 -15.81 15.90
C THR B 277 18.73 -14.73 16.51
N SER B 278 19.99 -15.06 16.81
CA SER B 278 20.97 -14.07 17.27
C SER B 278 21.89 -13.72 16.11
N SER B 279 22.23 -12.43 16.03
CA SER B 279 23.22 -11.89 15.13
C SER B 279 24.34 -11.26 15.97
N ILE B 280 25.46 -11.99 16.08
CA ILE B 280 26.60 -11.69 16.93
C ILE B 280 27.67 -10.98 16.10
N ALA B 281 27.92 -9.71 16.40
CA ALA B 281 28.87 -8.91 15.63
C ALA B 281 30.28 -9.50 15.81
N MET B 282 31.04 -9.54 14.70
CA MET B 282 32.40 -10.04 14.69
C MET B 282 33.29 -8.90 14.18
N GLU B 283 34.60 -9.16 14.04
CA GLU B 283 35.54 -8.08 13.64
C GLU B 283 35.42 -7.81 12.14
N ALA B 284 35.06 -8.85 11.39
CA ALA B 284 34.97 -8.75 9.93
C ALA B 284 33.62 -9.28 9.41
N GLY B 285 32.59 -9.24 10.28
CA GLY B 285 31.19 -9.49 9.86
C GLY B 285 30.31 -9.80 11.06
N TRP B 286 29.56 -10.89 10.99
CA TRP B 286 28.68 -11.31 12.07
C TRP B 286 28.43 -12.82 11.98
N THR B 287 27.90 -13.38 13.07
CA THR B 287 27.66 -14.79 13.20
C THR B 287 26.19 -15.02 13.58
N TRP B 288 25.51 -15.91 12.85
CA TRP B 288 24.13 -16.26 13.16
C TRP B 288 24.10 -17.39 14.18
N LYS B 289 23.05 -17.39 14.99
CA LYS B 289 22.71 -18.52 15.82
C LYS B 289 21.22 -18.82 15.67
N ILE B 290 20.91 -20.04 15.20
CA ILE B 290 19.54 -20.48 14.87
C ILE B 290 19.24 -21.74 15.68
N PRO B 291 18.56 -21.61 16.83
CA PRO B 291 18.23 -22.76 17.66
C PRO B 291 17.11 -23.63 17.07
N MET B 292 17.32 -24.94 17.18
CA MET B 292 16.35 -26.00 16.90
C MET B 292 16.38 -26.97 18.09
N LEU B 293 15.56 -28.03 18.06
CA LEU B 293 15.64 -29.04 19.14
C LEU B 293 16.96 -29.83 19.05
N GLY B 294 17.73 -29.82 20.16
CA GLY B 294 18.93 -30.57 20.30
C GLY B 294 20.17 -29.92 19.71
N ARG B 295 20.04 -28.83 18.97
CA ARG B 295 21.21 -28.23 18.32
C ARG B 295 20.89 -26.79 17.87
N PHE B 296 21.93 -26.03 17.56
CA PHE B 296 21.78 -24.76 16.91
C PHE B 296 22.69 -24.74 15.68
N GLY B 297 22.17 -24.17 14.60
CA GLY B 297 22.97 -23.87 13.46
C GLY B 297 23.67 -22.55 13.67
N SER B 298 24.88 -22.43 13.15
CA SER B 298 25.62 -21.21 13.31
C SER B 298 26.52 -21.00 12.11
N GLY B 299 26.77 -19.73 11.78
CA GLY B 299 27.59 -19.40 10.64
C GLY B 299 28.11 -17.98 10.75
N HIS B 300 29.41 -17.82 10.49
CA HIS B 300 30.04 -16.53 10.42
C HIS B 300 30.03 -16.06 8.97
N VAL B 301 29.32 -14.95 8.74
CA VAL B 301 29.30 -14.22 7.49
C VAL B 301 30.43 -13.19 7.55
N TYR B 302 31.25 -13.10 6.51
CA TYR B 302 32.41 -12.21 6.54
C TYR B 302 32.72 -11.69 5.14
N SER B 303 33.53 -10.63 5.09
CA SER B 303 34.04 -10.09 3.84
C SER B 303 35.47 -10.60 3.65
N ASP B 304 35.73 -11.27 2.51
CA ASP B 304 37.06 -11.86 2.21
C ASP B 304 38.07 -10.77 1.83
N HIS B 305 37.63 -9.52 1.65
CA HIS B 305 38.51 -8.38 1.52
C HIS B 305 39.13 -7.98 2.88
N PHE B 306 38.60 -8.47 4.02
CA PHE B 306 39.04 -8.00 5.38
C PHE B 306 39.38 -9.19 6.30
N ALA B 307 39.18 -10.41 5.83
CA ALA B 307 39.58 -11.60 6.54
C ALA B 307 39.72 -12.75 5.54
N THR B 308 40.73 -13.60 5.81
CA THR B 308 40.96 -14.82 5.08
C THR B 308 40.06 -15.90 5.66
N GLN B 309 39.84 -16.95 4.87
CA GLN B 309 39.08 -18.08 5.27
C GLN B 309 39.57 -18.59 6.65
N ASP B 310 40.88 -18.70 6.82
CA ASP B 310 41.44 -19.27 8.06
C ASP B 310 41.17 -18.34 9.25
N GLU B 311 41.35 -17.03 9.06
CA GLU B 311 41.09 -16.03 10.11
C GLU B 311 39.63 -16.16 10.58
N ALA B 312 38.71 -16.16 9.60
CA ALA B 312 37.27 -16.28 9.86
C ALA B 312 36.97 -17.59 10.60
N THR B 313 37.54 -18.69 10.12
CA THR B 313 37.25 -20.01 10.66
C THR B 313 37.72 -20.08 12.12
N LEU B 314 38.87 -19.45 12.42
CA LEU B 314 39.47 -19.40 13.78
C LEU B 314 38.58 -18.58 14.74
N ALA B 315 38.18 -17.39 14.27
CA ALA B 315 37.33 -16.50 15.05
C ALA B 315 35.96 -17.16 15.32
N PHE B 316 35.45 -17.91 14.34
CA PHE B 316 34.15 -18.60 14.47
C PHE B 316 34.25 -19.74 15.49
N SER B 317 35.32 -20.53 15.40
CA SER B 317 35.61 -21.63 16.33
C SER B 317 35.75 -21.12 17.78
N LYS B 318 36.47 -20.00 17.96
CA LYS B 318 36.72 -19.40 19.28
C LYS B 318 35.39 -18.94 19.92
N LEU B 319 34.42 -18.48 19.12
CA LEU B 319 33.08 -18.09 19.64
C LEU B 319 32.51 -19.18 20.54
N TRP B 320 32.49 -20.40 20.00
CA TRP B 320 31.75 -21.50 20.60
C TRP B 320 32.68 -22.49 21.29
N GLY B 321 33.99 -22.24 21.23
CA GLY B 321 35.00 -23.15 21.75
C GLY B 321 35.00 -24.47 20.98
N LEU B 322 34.92 -24.38 19.65
CA LEU B 322 35.08 -25.56 18.80
C LEU B 322 36.57 -25.80 18.56
N ASP B 323 36.94 -27.08 18.41
CA ASP B 323 38.26 -27.49 17.94
C ASP B 323 38.23 -27.39 16.41
N PRO B 324 38.98 -26.45 15.79
CA PRO B 324 38.89 -26.20 14.35
C PRO B 324 39.36 -27.33 13.41
N ASP B 325 40.07 -28.35 13.94
CA ASP B 325 40.61 -29.43 13.13
C ASP B 325 39.72 -30.67 13.25
N ASN B 326 38.90 -30.75 14.30
CA ASN B 326 38.02 -31.90 14.51
C ASN B 326 36.54 -31.46 14.43
N THR B 327 36.24 -30.52 13.53
CA THR B 327 34.90 -29.95 13.31
C THR B 327 34.58 -29.90 11.81
N GLU B 328 33.38 -30.34 11.44
CA GLU B 328 32.88 -30.29 10.03
C GLU B 328 32.36 -28.87 9.75
N PHE B 329 32.98 -28.19 8.77
CA PHE B 329 32.63 -26.84 8.33
C PHE B 329 32.22 -26.86 6.86
N ASN B 330 31.13 -26.16 6.51
CA ASN B 330 30.82 -25.75 5.10
C ASN B 330 31.37 -24.32 4.90
N HIS B 331 32.04 -24.10 3.77
CA HIS B 331 32.54 -22.80 3.35
C HIS B 331 31.82 -22.42 2.06
N VAL B 332 31.34 -21.18 1.95
CA VAL B 332 30.62 -20.70 0.80
C VAL B 332 31.24 -19.36 0.42
N ARG B 333 31.42 -19.14 -0.87
CA ARG B 333 31.64 -17.82 -1.46
C ARG B 333 30.30 -17.46 -2.09
N PHE B 334 29.72 -16.28 -1.78
CA PHE B 334 28.49 -15.97 -2.44
C PHE B 334 28.55 -14.78 -3.38
N ARG B 335 27.53 -14.80 -4.22
CA ARG B 335 27.12 -13.79 -5.15
C ARG B 335 26.18 -12.85 -4.42
N VAL B 336 26.45 -11.54 -4.41
CA VAL B 336 25.56 -10.58 -3.82
C VAL B 336 25.05 -9.65 -4.91
N GLY B 337 23.73 -9.62 -5.07
CA GLY B 337 23.07 -8.83 -6.10
C GLY B 337 21.96 -9.64 -6.74
N ARG B 338 21.62 -9.29 -7.98
CA ARG B 338 20.59 -9.98 -8.72
C ARG B 338 20.89 -9.93 -10.22
N ASN B 339 20.14 -10.77 -10.97
CA ASN B 339 20.17 -10.74 -12.43
C ASN B 339 19.60 -9.41 -12.92
N ARG B 340 20.09 -8.97 -14.09
CA ARG B 340 19.59 -7.78 -14.75
C ARG B 340 18.08 -7.95 -15.00
N ARG B 341 17.69 -9.14 -15.44
CA ARG B 341 16.30 -9.55 -15.50
C ARG B 341 16.23 -10.98 -14.95
N ALA B 342 15.25 -11.25 -14.09
CA ALA B 342 15.10 -12.58 -13.46
C ALA B 342 14.50 -13.61 -14.45
N TRP B 343 13.69 -13.13 -15.39
CA TRP B 343 12.99 -13.96 -16.40
C TRP B 343 13.37 -13.45 -17.79
N VAL B 344 13.99 -14.35 -18.59
CA VAL B 344 14.40 -14.07 -19.97
C VAL B 344 13.87 -15.19 -20.88
N ARG B 345 13.18 -14.80 -21.95
CA ARG B 345 12.57 -15.74 -22.91
C ARG B 345 11.69 -16.73 -22.12
N ASN B 346 12.05 -18.02 -22.07
CA ASN B 346 11.23 -19.03 -21.39
C ASN B 346 12.05 -19.65 -20.24
N CYS B 347 12.95 -18.86 -19.65
CA CYS B 347 13.75 -19.21 -18.49
C CYS B 347 13.47 -18.21 -17.35
N VAL B 348 12.96 -18.73 -16.22
CA VAL B 348 12.64 -18.00 -14.98
C VAL B 348 13.59 -18.45 -13.85
N SER B 349 14.36 -17.50 -13.28
CA SER B 349 15.25 -17.82 -12.16
C SER B 349 14.53 -17.59 -10.82
N VAL B 350 14.79 -18.50 -9.89
CA VAL B 350 14.19 -18.57 -8.61
C VAL B 350 15.27 -18.99 -7.61
N GLY B 351 15.31 -18.32 -6.46
CA GLY B 351 16.29 -18.64 -5.41
C GLY B 351 17.65 -18.03 -5.69
N LEU B 352 18.72 -18.74 -5.34
CA LEU B 352 20.09 -18.24 -5.45
C LEU B 352 20.48 -17.95 -6.91
N ALA B 353 19.87 -18.65 -7.86
CA ALA B 353 20.13 -18.40 -9.30
C ALA B 353 19.60 -17.01 -9.73
N SER B 354 18.66 -16.47 -8.93
CA SER B 354 18.04 -15.19 -9.24
C SER B 354 18.78 -14.05 -8.54
N CYS B 355 18.93 -14.15 -7.21
CA CYS B 355 19.34 -13.00 -6.38
C CYS B 355 19.58 -13.46 -4.94
N PHE B 356 20.42 -12.69 -4.23
CA PHE B 356 20.88 -13.07 -2.90
C PHE B 356 21.49 -11.87 -2.18
N VAL B 357 21.20 -11.82 -0.87
CA VAL B 357 21.89 -11.01 0.15
C VAL B 357 22.15 -11.96 1.31
N GLU B 358 23.13 -11.60 2.13
CA GLU B 358 23.44 -12.30 3.38
C GLU B 358 22.16 -12.45 4.20
N PRO B 359 22.07 -13.52 5.01
CA PRO B 359 20.86 -13.81 5.80
C PRO B 359 20.66 -13.01 7.10
N LEU B 360 20.97 -11.70 7.06
CA LEU B 360 20.97 -10.86 8.25
C LEU B 360 19.54 -10.62 8.76
N GLU B 361 18.55 -10.63 7.86
CA GLU B 361 17.15 -10.51 8.30
C GLU B 361 16.29 -11.64 7.72
N SER B 362 16.90 -12.79 7.41
CA SER B 362 16.19 -14.05 7.17
C SER B 362 15.31 -13.92 5.92
N SER B 363 15.88 -13.42 4.84
CA SER B 363 15.12 -13.07 3.64
C SER B 363 15.11 -14.20 2.55
N GLY B 364 15.93 -15.26 2.68
CA GLY B 364 16.19 -16.18 1.55
C GLY B 364 14.93 -16.91 1.06
N ILE B 365 14.22 -17.56 1.99
CA ILE B 365 13.00 -18.34 1.74
C ILE B 365 11.90 -17.40 1.22
N TYR B 366 11.81 -16.20 1.78
CA TYR B 366 10.87 -15.18 1.38
C TYR B 366 11.04 -14.88 -0.11
N PHE B 367 12.28 -14.72 -0.58
CA PHE B 367 12.51 -14.36 -1.97
C PHE B 367 11.99 -15.48 -2.90
N ILE B 368 12.10 -16.75 -2.47
CA ILE B 368 11.62 -17.89 -3.21
C ILE B 368 10.08 -17.84 -3.28
N TYR B 369 9.37 -17.85 -2.14
CA TYR B 369 7.94 -17.95 -2.25
C TYR B 369 7.33 -16.66 -2.84
N ALA B 370 8.00 -15.52 -2.75
CA ALA B 370 7.49 -14.30 -3.38
C ALA B 370 7.59 -14.42 -4.90
N ALA B 371 8.75 -14.89 -5.37
CA ALA B 371 8.99 -15.13 -6.80
C ALA B 371 7.99 -16.14 -7.37
N ILE B 372 7.73 -17.21 -6.64
CA ILE B 372 6.85 -18.29 -7.10
C ILE B 372 5.39 -17.78 -7.18
N HIS B 373 4.97 -17.05 -6.17
CA HIS B 373 3.68 -16.39 -6.15
C HIS B 373 3.52 -15.51 -7.39
N MET B 374 4.55 -14.70 -7.67
CA MET B 374 4.51 -13.77 -8.79
C MET B 374 4.52 -14.53 -10.13
N LEU B 375 5.25 -15.65 -10.21
CA LEU B 375 5.28 -16.48 -11.42
C LEU B 375 3.88 -17.03 -11.70
N ALA B 376 3.24 -17.61 -10.69
CA ALA B 376 1.88 -18.17 -10.87
C ALA B 376 0.90 -17.08 -11.38
N LYS B 377 1.03 -15.84 -10.88
CA LYS B 377 0.15 -14.73 -11.28
C LYS B 377 0.45 -14.24 -12.70
N HIS B 378 1.73 -14.20 -13.09
CA HIS B 378 2.19 -13.78 -14.39
C HIS B 378 2.40 -14.99 -15.33
N PHE B 379 1.74 -16.13 -15.06
CA PHE B 379 2.05 -17.36 -15.78
C PHE B 379 1.74 -17.16 -17.26
N PRO B 380 2.67 -17.52 -18.15
CA PRO B 380 2.53 -17.27 -19.58
C PRO B 380 1.77 -18.34 -20.37
N ASP B 381 1.43 -18.00 -21.62
CA ASP B 381 1.17 -18.99 -22.65
C ASP B 381 2.38 -18.96 -23.58
N LYS B 382 2.34 -19.77 -24.65
CA LYS B 382 3.52 -19.95 -25.56
C LYS B 382 3.84 -18.69 -26.37
N THR B 383 2.99 -17.66 -26.38
CA THR B 383 3.35 -16.35 -27.02
C THR B 383 4.31 -15.54 -26.15
N PHE B 384 4.47 -15.90 -24.86
CA PHE B 384 5.33 -15.19 -23.87
C PHE B 384 5.21 -13.65 -24.01
N ASP B 385 4.03 -13.12 -23.74
CA ASP B 385 3.78 -11.70 -23.80
C ASP B 385 4.90 -10.95 -23.04
N LYS B 386 5.58 -10.02 -23.71
CA LYS B 386 6.72 -9.30 -23.13
C LYS B 386 6.29 -8.37 -21.98
N VAL B 387 5.05 -7.83 -21.98
CA VAL B 387 4.55 -7.05 -20.89
C VAL B 387 4.44 -7.91 -19.62
N LEU B 388 3.98 -9.15 -19.76
CA LEU B 388 3.85 -10.09 -18.65
C LEU B 388 5.23 -10.36 -18.00
N VAL B 389 6.23 -10.58 -18.83
CA VAL B 389 7.58 -10.88 -18.40
C VAL B 389 8.18 -9.64 -17.71
N ASP B 390 7.98 -8.48 -18.32
CA ASP B 390 8.47 -7.23 -17.82
C ASP B 390 7.87 -6.91 -16.42
N ARG B 391 6.56 -7.15 -16.24
CA ARG B 391 5.92 -6.86 -14.96
C ARG B 391 6.44 -7.80 -13.86
N PHE B 392 6.69 -9.07 -14.19
CA PHE B 392 7.30 -9.98 -13.24
C PHE B 392 8.69 -9.47 -12.85
N ASN B 393 9.48 -9.08 -13.84
CA ASN B 393 10.87 -8.66 -13.60
C ASN B 393 10.91 -7.43 -12.67
N ARG B 394 9.95 -6.53 -12.87
CA ARG B 394 9.79 -5.32 -12.12
C ARG B 394 9.50 -5.67 -10.63
N GLU B 395 8.63 -6.63 -10.36
CA GLU B 395 8.34 -7.03 -8.99
C GLU B 395 9.56 -7.63 -8.31
N ILE B 396 10.33 -8.48 -9.01
CA ILE B 396 11.49 -9.10 -8.41
C ILE B 396 12.51 -8.02 -8.03
N GLU B 397 12.78 -7.07 -8.94
CA GLU B 397 13.82 -6.06 -8.70
C GLU B 397 13.43 -5.13 -7.53
N GLU B 398 12.16 -4.74 -7.42
CA GLU B 398 11.74 -3.86 -6.32
C GLU B 398 11.79 -4.58 -4.95
N MET B 399 11.36 -5.85 -4.89
CA MET B 399 11.42 -6.65 -3.70
C MET B 399 12.87 -6.73 -3.20
N PHE B 400 13.78 -7.03 -4.12
CA PHE B 400 15.15 -7.28 -3.77
C PHE B 400 15.78 -5.96 -3.30
N ASP B 401 15.62 -4.90 -4.10
CA ASP B 401 16.28 -3.61 -3.87
C ASP B 401 15.76 -3.02 -2.55
N ASP B 402 14.48 -3.24 -2.21
CA ASP B 402 13.95 -2.81 -0.91
C ASP B 402 14.68 -3.51 0.27
N THR B 403 14.87 -4.83 0.21
CA THR B 403 15.48 -5.54 1.33
C THR B 403 16.98 -5.20 1.40
N ARG B 404 17.62 -5.01 0.24
CA ARG B 404 19.04 -4.67 0.14
C ARG B 404 19.33 -3.38 0.90
N ASP B 405 18.50 -2.37 0.67
CA ASP B 405 18.58 -1.08 1.31
C ASP B 405 18.37 -1.23 2.83
N PHE B 406 17.35 -1.98 3.27
CA PHE B 406 17.16 -2.26 4.70
C PHE B 406 18.44 -2.87 5.32
N LEU B 407 19.07 -3.83 4.64
CA LEU B 407 20.27 -4.46 5.15
C LEU B 407 21.41 -3.43 5.26
N GLN B 408 21.59 -2.62 4.23
CA GLN B 408 22.68 -1.64 4.21
C GLN B 408 22.59 -0.70 5.43
N ALA B 409 21.36 -0.35 5.83
CA ALA B 409 21.13 0.48 7.01
C ALA B 409 21.70 -0.15 8.31
N HIS B 410 21.73 -1.48 8.42
CA HIS B 410 22.25 -2.11 9.64
C HIS B 410 23.74 -1.76 9.81
N TYR B 411 24.43 -1.58 8.68
CA TYR B 411 25.89 -1.49 8.63
C TYR B 411 26.31 -0.02 8.66
N TYR B 412 25.64 0.81 7.85
CA TYR B 412 26.01 2.17 7.68
C TYR B 412 25.87 2.95 9.00
N PHE B 413 24.91 2.56 9.85
CA PHE B 413 24.62 3.28 11.09
C PHE B 413 25.20 2.57 12.32
N SER B 414 25.93 1.48 12.16
CA SER B 414 26.73 0.96 13.31
C SER B 414 27.74 2.01 13.73
N PRO B 415 27.89 2.31 15.05
CA PRO B 415 28.93 3.22 15.50
C PRO B 415 30.35 2.63 15.51
N ARG B 416 30.52 1.33 15.25
CA ARG B 416 31.84 0.73 15.39
C ARG B 416 32.84 1.31 14.39
N VAL B 417 34.06 1.59 14.87
CA VAL B 417 35.17 2.01 14.00
C VAL B 417 36.44 1.23 14.38
N ASP B 418 36.31 0.12 15.09
CA ASP B 418 37.47 -0.54 15.69
C ASP B 418 38.26 -1.40 14.67
N THR B 419 37.68 -1.81 13.55
CA THR B 419 38.43 -2.62 12.54
C THR B 419 38.29 -1.96 11.17
N PRO B 420 39.12 -2.34 10.16
CA PRO B 420 38.95 -1.78 8.82
C PRO B 420 37.56 -2.13 8.21
N PHE B 421 37.04 -3.33 8.49
CA PHE B 421 35.69 -3.73 8.04
C PHE B 421 34.62 -2.74 8.53
N TRP B 422 34.58 -2.48 9.86
CA TRP B 422 33.58 -1.58 10.41
C TRP B 422 33.75 -0.16 9.87
N ARG B 423 34.99 0.31 9.71
CA ARG B 423 35.22 1.66 9.12
C ARG B 423 34.82 1.66 7.62
N ALA B 424 35.10 0.55 6.91
CA ALA B 424 34.84 0.49 5.45
C ALA B 424 33.32 0.62 5.17
N ASN B 425 32.48 0.13 6.08
CA ASN B 425 31.03 0.25 5.94
C ASN B 425 30.61 1.72 5.77
N LYS B 426 31.32 2.66 6.39
CA LYS B 426 30.92 4.07 6.29
C LYS B 426 31.35 4.71 4.95
N GLU B 427 32.13 3.99 4.14
CA GLU B 427 32.69 4.50 2.87
C GLU B 427 31.77 4.14 1.69
N LEU B 428 30.83 3.21 1.93
CA LEU B 428 29.92 2.74 0.90
C LEU B 428 28.87 3.80 0.65
N LYS B 429 28.36 3.81 -0.59
CA LYS B 429 27.37 4.74 -1.01
C LYS B 429 26.01 4.19 -0.55
N LEU B 430 25.29 5.03 0.19
CA LEU B 430 23.94 4.76 0.61
C LEU B 430 23.03 4.88 -0.60
N ALA B 431 22.09 3.94 -0.74
CA ALA B 431 21.13 4.05 -1.84
C ALA B 431 20.18 5.22 -1.57
N ASP B 432 19.62 5.78 -2.64
CA ASP B 432 18.77 6.93 -2.55
C ASP B 432 17.55 6.65 -1.66
N SER B 433 16.97 5.45 -1.73
CA SER B 433 15.72 5.20 -1.06
C SER B 433 15.97 5.18 0.46
N ILE B 434 17.13 4.71 0.89
CA ILE B 434 17.42 4.69 2.32
C ILE B 434 17.88 6.07 2.81
N LYS B 435 18.49 6.89 1.94
CA LYS B 435 18.81 8.28 2.33
C LYS B 435 17.51 9.04 2.63
N ASP B 436 16.50 8.82 1.78
CA ASP B 436 15.24 9.47 1.89
C ASP B 436 14.55 9.06 3.21
N LYS B 437 14.64 7.77 3.55
CA LYS B 437 13.97 7.22 4.74
C LYS B 437 14.63 7.73 6.03
N VAL B 438 15.96 7.83 6.01
CA VAL B 438 16.70 8.39 7.14
C VAL B 438 16.29 9.85 7.39
N GLU B 439 16.21 10.65 6.34
CA GLU B 439 15.77 12.08 6.42
C GLU B 439 14.35 12.18 7.02
N THR B 440 13.44 11.29 6.60
CA THR B 440 12.08 11.24 7.10
C THR B 440 12.10 10.98 8.60
N TYR B 441 12.81 9.92 8.99
CA TYR B 441 12.94 9.47 10.37
C TYR B 441 13.55 10.58 11.24
N ARG B 442 14.53 11.32 10.71
CA ARG B 442 15.30 12.32 11.48
C ARG B 442 14.42 13.53 11.83
N ALA B 443 13.38 13.76 11.03
CA ALA B 443 12.38 14.78 11.23
C ALA B 443 11.30 14.35 12.23
N GLY B 444 11.35 13.12 12.75
CA GLY B 444 10.39 12.60 13.70
C GLY B 444 9.18 11.96 13.06
N LEU B 445 9.16 11.89 11.71
CA LEU B 445 8.04 11.26 10.96
C LEU B 445 8.16 9.74 10.91
N PRO B 446 7.02 9.03 10.76
CA PRO B 446 7.07 7.59 10.55
C PRO B 446 7.63 7.22 9.16
N VAL B 447 8.24 6.05 9.07
CA VAL B 447 8.72 5.49 7.82
C VAL B 447 7.88 4.25 7.47
N ASN B 448 7.17 4.25 6.33
CA ASN B 448 6.37 3.07 5.85
C ASN B 448 5.40 2.59 6.96
N LEU B 449 4.49 3.47 7.33
CA LEU B 449 3.41 3.20 8.28
C LEU B 449 2.64 1.95 7.86
N PRO B 450 2.42 0.94 8.73
CA PRO B 450 1.68 -0.25 8.31
C PRO B 450 0.21 0.13 8.04
N VAL B 451 -0.35 -0.38 6.94
CA VAL B 451 -1.74 -0.08 6.51
C VAL B 451 -2.72 -1.05 7.19
N THR B 452 -2.35 -2.35 7.24
CA THR B 452 -3.18 -3.49 7.70
C THR B 452 -3.94 -3.15 9.01
N ASN B 460 -2.59 -11.09 4.85
CA ASN B 460 -2.51 -11.21 3.39
C ASN B 460 -1.05 -11.04 2.94
N PHE B 461 -0.51 -11.99 2.18
CA PHE B 461 0.81 -11.86 1.55
C PHE B 461 0.89 -10.58 0.69
N GLU B 462 -0.17 -10.27 -0.07
CA GLU B 462 -0.15 -9.16 -1.01
C GLU B 462 0.08 -7.84 -0.23
N ALA B 463 -0.48 -7.75 0.99
CA ALA B 463 -0.39 -6.55 1.84
C ALA B 463 1.05 -6.31 2.31
N GLU B 464 1.72 -7.37 2.77
CA GLU B 464 3.12 -7.29 3.21
C GLU B 464 3.99 -7.78 2.05
N PHE B 465 4.19 -6.88 1.08
CA PHE B 465 5.04 -7.13 -0.08
C PHE B 465 5.20 -5.79 -0.80
N ARG B 466 6.39 -5.61 -1.42
CA ARG B 466 6.95 -4.35 -2.06
C ARG B 466 7.46 -3.39 -0.97
N ASN B 467 6.64 -3.27 0.09
CA ASN B 467 6.83 -2.46 1.30
C ASN B 467 6.59 -3.39 2.51
N PHE B 468 7.62 -4.21 2.71
CA PHE B 468 7.61 -5.32 3.63
C PHE B 468 8.12 -4.86 5.00
N TRP B 469 9.13 -3.97 5.00
CA TRP B 469 9.74 -3.41 6.19
C TRP B 469 9.04 -2.11 6.58
N THR B 470 8.31 -2.18 7.72
CA THR B 470 7.43 -1.09 8.16
C THR B 470 8.13 -0.25 9.23
N ASN B 471 7.43 0.79 9.68
CA ASN B 471 7.88 1.78 10.67
C ASN B 471 8.53 1.11 11.88
N GLY B 472 7.86 0.11 12.44
CA GLY B 472 8.37 -0.62 13.60
C GLY B 472 9.76 -1.19 13.39
N SER B 473 10.00 -1.73 12.19
CA SER B 473 11.26 -2.34 11.82
C SER B 473 12.37 -1.27 11.66
N TYR B 474 12.05 -0.10 11.10
CA TYR B 474 13.05 0.94 10.95
C TYR B 474 13.42 1.49 12.34
N TYR B 475 12.42 1.64 13.23
CA TYR B 475 12.69 2.07 14.60
C TYR B 475 13.61 1.05 15.29
N CYS B 476 13.31 -0.24 15.14
CA CYS B 476 14.08 -1.28 15.83
C CYS B 476 15.58 -1.17 15.50
N ILE B 477 15.89 -0.90 14.22
CA ILE B 477 17.28 -0.91 13.74
C ILE B 477 17.96 0.43 14.03
N PHE B 478 17.35 1.53 13.62
CA PHE B 478 17.91 2.86 13.86
C PHE B 478 18.08 3.14 15.36
N ALA B 479 17.02 2.94 16.16
CA ALA B 479 17.12 3.24 17.59
C ALA B 479 18.06 2.25 18.27
N GLY B 480 17.98 0.98 17.87
CA GLY B 480 18.85 -0.09 18.36
C GLY B 480 20.33 0.28 18.23
N LEU B 481 20.68 0.86 17.09
CA LEU B 481 22.06 1.17 16.79
C LEU B 481 22.45 2.55 17.39
N GLY B 482 21.47 3.30 17.88
CA GLY B 482 21.69 4.56 18.59
C GLY B 482 21.38 5.78 17.76
N LEU B 483 20.85 5.62 16.54
CA LEU B 483 20.45 6.80 15.77
C LEU B 483 19.03 7.23 16.18
N MET B 484 18.87 8.49 16.61
CA MET B 484 17.61 9.03 17.05
C MET B 484 17.14 10.10 16.09
N PRO B 485 15.81 10.41 16.11
CA PRO B 485 15.31 11.62 15.45
C PRO B 485 15.96 12.86 16.12
N ARG B 486 16.06 13.93 15.33
CA ARG B 486 16.53 15.24 15.77
C ARG B 486 15.68 15.75 16.94
N ASN B 487 14.38 15.50 16.84
CA ASN B 487 13.39 16.01 17.74
C ASN B 487 12.18 15.10 17.67
N PRO B 488 11.28 15.16 18.66
CA PRO B 488 10.00 14.44 18.60
C PRO B 488 9.17 14.94 17.41
N LEU B 489 8.20 14.13 17.01
CA LEU B 489 7.16 14.53 16.09
C LEU B 489 6.53 15.81 16.63
N PRO B 490 6.64 16.97 15.95
CA PRO B 490 6.15 18.24 16.49
C PRO B 490 4.68 18.26 16.88
N ALA B 491 3.84 17.47 16.18
CA ALA B 491 2.41 17.38 16.50
C ALA B 491 2.19 16.96 17.96
N LEU B 492 3.12 16.22 18.56
CA LEU B 492 2.93 15.70 19.90
C LEU B 492 2.93 16.81 20.94
N ALA B 493 3.58 17.95 20.65
CA ALA B 493 3.59 19.09 21.53
C ALA B 493 2.20 19.74 21.64
N TYR B 494 1.26 19.40 20.77
CA TYR B 494 -0.07 19.97 20.79
C TYR B 494 -1.12 18.94 21.25
N LYS B 495 -0.68 17.78 21.73
CA LYS B 495 -1.61 16.65 21.96
C LYS B 495 -1.45 16.06 23.38
N PRO B 496 -1.69 16.84 24.45
CA PRO B 496 -1.59 16.31 25.82
C PRO B 496 -2.52 15.11 26.10
N GLN B 497 -3.72 15.09 25.51
CA GLN B 497 -4.65 13.96 25.77
C GLN B 497 -4.10 12.68 25.10
N SER B 498 -3.41 12.85 23.95
CA SER B 498 -2.86 11.73 23.24
C SER B 498 -1.64 11.16 23.98
N ILE B 499 -0.79 12.05 24.50
CA ILE B 499 0.36 11.64 25.36
C ILE B 499 -0.18 10.72 26.47
N ALA B 500 -1.25 11.15 27.15
CA ALA B 500 -1.85 10.40 28.32
C ALA B 500 -2.37 9.04 27.87
N GLU B 501 -2.96 9.00 26.70
CA GLU B 501 -3.50 7.75 26.19
C GLU B 501 -2.33 6.79 25.91
N ALA B 502 -1.19 7.33 25.44
CA ALA B 502 -0.02 6.49 25.13
C ALA B 502 0.55 5.90 26.43
N GLU B 503 0.52 6.69 27.51
CA GLU B 503 0.94 6.21 28.84
C GLU B 503 0.16 4.94 29.21
N LEU B 504 -1.14 4.91 28.91
CA LEU B 504 -1.93 3.70 29.20
C LEU B 504 -1.42 2.53 28.35
N LEU B 505 -1.08 2.76 27.07
CA LEU B 505 -0.53 1.69 26.18
C LEU B 505 0.82 1.15 26.70
N PHE B 506 1.66 2.02 27.26
CA PHE B 506 2.96 1.61 27.80
C PHE B 506 2.74 0.69 29.00
N ALA B 507 1.75 1.04 29.81
CA ALA B 507 1.39 0.27 31.01
C ALA B 507 0.78 -1.07 30.59
N ASP B 508 -0.02 -1.08 29.52
CA ASP B 508 -0.58 -2.35 28.93
C ASP B 508 0.56 -3.28 28.45
N VAL B 509 1.61 -2.73 27.81
CA VAL B 509 2.71 -3.56 27.31
C VAL B 509 3.41 -4.23 28.49
N LYS B 510 3.64 -3.48 29.56
CA LYS B 510 4.27 -3.99 30.77
C LYS B 510 3.39 -5.08 31.43
N ARG B 511 2.10 -4.82 31.57
CA ARG B 511 1.14 -5.76 32.21
C ARG B 511 1.04 -7.07 31.38
N LYS B 512 0.90 -6.93 30.06
CA LYS B 512 0.78 -8.10 29.16
C LYS B 512 2.08 -8.92 29.17
N GLY B 513 3.22 -8.24 29.20
CA GLY B 513 4.49 -8.89 29.34
C GLY B 513 4.60 -9.68 30.63
N ASP B 514 4.19 -9.07 31.76
CA ASP B 514 4.32 -9.70 33.05
C ASP B 514 3.37 -10.90 33.13
N THR B 515 2.13 -10.74 32.68
CA THR B 515 1.11 -11.80 32.67
C THR B 515 1.60 -12.99 31.81
N LEU B 516 2.09 -12.72 30.59
CA LEU B 516 2.46 -13.79 29.66
C LEU B 516 3.71 -14.53 30.15
N VAL B 517 4.67 -13.81 30.73
CA VAL B 517 5.88 -14.43 31.22
C VAL B 517 5.53 -15.42 32.35
N GLU B 518 4.50 -15.12 33.14
CA GLU B 518 4.08 -15.99 34.26
C GLU B 518 3.35 -17.22 33.71
N SER B 519 2.52 -17.10 32.64
CA SER B 519 1.58 -18.18 32.27
C SER B 519 2.03 -19.01 31.05
N LEU B 520 2.95 -18.52 30.21
CA LEU B 520 3.38 -19.26 29.01
C LEU B 520 4.30 -20.40 29.39
N PRO B 521 4.31 -21.49 28.60
CA PRO B 521 5.33 -22.52 28.74
C PRO B 521 6.67 -22.00 28.20
N SER B 522 7.76 -22.63 28.62
CA SER B 522 9.05 -22.41 28.01
C SER B 522 9.02 -22.88 26.55
N THR B 523 9.92 -22.33 25.73
CA THR B 523 10.07 -22.74 24.35
C THR B 523 10.41 -24.24 24.34
N TYR B 524 11.36 -24.64 25.18
CA TYR B 524 11.74 -26.04 25.35
C TYR B 524 10.52 -26.94 25.58
N ASP B 525 9.63 -26.57 26.51
CA ASP B 525 8.47 -27.43 26.84
C ASP B 525 7.49 -27.50 25.66
N LEU B 526 7.28 -26.38 24.94
CA LEU B 526 6.37 -26.42 23.79
C LEU B 526 6.97 -27.29 22.67
N LEU B 527 8.27 -27.16 22.42
CA LEU B 527 8.93 -28.01 21.42
C LEU B 527 8.77 -29.51 21.76
N ARG B 528 8.99 -29.87 23.03
CA ARG B 528 8.89 -31.26 23.49
C ARG B 528 7.49 -31.82 23.26
N GLN B 529 6.45 -31.02 23.49
CA GLN B 529 5.06 -31.40 23.18
C GLN B 529 4.85 -31.55 21.66
N LEU B 530 5.37 -30.60 20.87
CA LEU B 530 5.15 -30.58 19.44
C LEU B 530 5.82 -31.79 18.77
N HIS B 531 7.08 -32.05 19.10
CA HIS B 531 7.86 -33.06 18.46
C HIS B 531 7.61 -34.45 19.09
N GLY B 532 6.63 -34.56 20.00
CA GLY B 532 5.94 -35.84 20.33
C GLY B 532 6.84 -36.81 21.08
P PO4 C . -23.01 0.89 9.80
O1 PO4 C . -24.47 0.54 9.81
O2 PO4 C . -22.33 0.75 11.13
O3 PO4 C . -22.90 2.33 9.29
O4 PO4 C . -22.31 -0.06 8.87
P PO4 D . -7.99 -5.09 -29.70
O1 PO4 D . -9.40 -5.11 -30.34
O2 PO4 D . -7.15 -6.23 -30.17
O3 PO4 D . -8.17 -5.27 -28.21
O4 PO4 D . -7.23 -3.80 -30.01
C1 GOL E . -6.89 37.18 17.01
O1 GOL E . -7.62 38.15 17.78
C2 GOL E . -5.39 37.46 17.10
O2 GOL E . -4.77 36.95 15.90
C3 GOL E . -5.21 38.97 17.30
O3 GOL E . -4.03 39.51 16.68
C1 GOL F . -17.86 3.07 3.95
O1 GOL F . -17.64 3.27 5.36
C2 GOL F . -19.36 3.22 3.59
O2 GOL F . -19.60 3.03 2.15
C3 GOL F . -19.92 4.57 4.08
O3 GOL F . -21.37 4.68 4.06
C1 GOL G . -11.64 35.61 1.26
O1 GOL G . -12.71 34.98 1.97
C2 GOL G . -11.76 37.04 1.77
O2 GOL G . -12.22 37.06 3.13
C3 GOL G . -10.44 37.79 1.77
O3 GOL G . -10.61 39.02 1.10
C1 GOL H . -15.23 22.41 -4.15
O1 GOL H . -14.90 21.16 -3.56
C2 GOL H . -15.29 23.41 -3.01
O2 GOL H . -15.45 24.75 -3.50
C3 GOL H . -16.50 23.03 -2.17
O3 GOL H . -16.16 21.80 -1.54
C1 GOL I . -10.06 19.32 21.54
O1 GOL I . -9.82 17.90 21.34
C2 GOL I . -11.49 19.86 21.29
O2 GOL I . -12.50 18.86 21.51
C3 GOL I . -11.76 21.06 22.20
O3 GOL I . -12.14 22.24 21.47
C1 GOL J . -17.54 -3.35 -23.08
O1 GOL J . -17.83 -2.55 -24.22
C2 GOL J . -18.63 -3.12 -22.02
O2 GOL J . -18.90 -1.70 -21.86
C3 GOL J . -18.18 -3.82 -20.70
O3 GOL J . -18.61 -3.27 -19.42
C1 GOL K . -5.22 13.87 12.40
O1 GOL K . -4.51 13.08 11.44
C2 GOL K . -4.74 13.89 13.86
O2 GOL K . -5.46 12.80 14.47
C3 GOL K . -3.22 13.76 14.04
O3 GOL K . -2.87 12.61 14.84
C1 GOL L . -20.59 3.56 -31.05
O1 GOL L . -21.86 2.94 -31.23
C2 GOL L . -19.81 2.55 -30.23
O2 GOL L . -20.04 1.28 -30.87
C3 GOL L . -18.34 2.93 -30.14
O3 GOL L . -17.75 2.40 -28.92
C1 GOL M . -2.12 6.24 -4.33
O1 GOL M . -3.52 6.17 -3.97
C2 GOL M . -1.83 7.59 -5.00
O2 GOL M . -0.43 7.92 -4.92
C3 GOL M . -2.74 8.75 -4.46
O3 GOL M . -2.59 9.21 -3.08
K K N . 4.31 35.21 14.57
P PO4 O . 20.68 15.72 10.06
O1 PO4 O . 20.22 14.26 9.98
O2 PO4 O . 22.19 15.81 10.10
O3 PO4 O . 20.06 16.38 11.27
O4 PO4 O . 20.20 16.48 8.85
P PO4 P . 10.92 4.94 32.97
O1 PO4 P . 10.83 3.45 33.30
O2 PO4 P . 12.37 5.41 32.96
O3 PO4 P . 10.12 5.82 33.92
O4 PO4 P . 10.21 5.11 31.64
P PO4 Q . 22.10 -7.48 -24.63
O1 PO4 Q . 20.63 -7.82 -24.46
O2 PO4 Q . 22.40 -6.13 -24.00
O3 PO4 Q . 22.96 -8.55 -23.98
O4 PO4 Q . 22.42 -7.41 -26.12
P PO4 R . 16.10 -9.82 -25.45
O1 PO4 R . 15.52 -11.15 -25.00
O2 PO4 R . 15.10 -8.74 -25.05
O3 PO4 R . 16.26 -9.72 -26.97
O4 PO4 R . 17.51 -9.58 -24.89
C1 GOL S . -1.96 -17.86 -6.71
O1 GOL S . -0.75 -17.80 -5.93
C2 GOL S . -1.66 -17.97 -8.21
O2 GOL S . -1.83 -19.34 -8.64
C3 GOL S . -2.55 -17.02 -9.02
O3 GOL S . -3.84 -17.16 -8.45
C1 GOL T . 10.51 -27.36 -27.25
O1 GOL T . 10.55 -28.55 -26.40
C2 GOL T . 9.23 -26.49 -27.17
O2 GOL T . 8.43 -26.91 -26.08
C3 GOL T . 9.43 -24.95 -27.11
O3 GOL T . 10.39 -24.48 -26.13
C1 GOL U . 17.78 -21.65 -1.17
O1 GOL U . 18.85 -22.57 -0.98
C2 GOL U . 17.33 -21.11 0.18
O2 GOL U . 17.55 -22.10 1.24
C3 GOL U . 18.07 -19.78 0.36
O3 GOL U . 17.58 -19.13 1.51
C1 GOL V . 0.35 -34.08 -13.98
O1 GOL V . -1.07 -34.11 -14.28
C2 GOL V . 0.64 -32.76 -13.27
O2 GOL V . -0.36 -32.54 -12.26
C3 GOL V . 2.02 -32.64 -12.55
O3 GOL V . 3.09 -33.27 -13.25
#